data_7ET8
#
_entry.id   7ET8
#
_cell.length_a   147.620
_cell.length_b   90.163
_cell.length_c   86.484
_cell.angle_alpha   90.000
_cell.angle_beta   122.330
_cell.angle_gamma   90.000
#
_symmetry.space_group_name_H-M   'C 1 2 1'
#
loop_
_entity.id
_entity.type
_entity.pdbx_description
1 polymer '4-hydroxy-2-oxoheptanedioate aldolase'
2 non-polymer 'CALCIUM ION'
3 water water
#
_entity_poly.entity_id   1
_entity_poly.type   'polypeptide(L)'
_entity_poly.pdbx_seq_one_letter_code
;MVNTVNYFKQKLKTEQQIGMWVGLADGYCAEIAANVGYDWLLIDGEHAPNDVRSILAQLQSIAAYPSQAVVRPVSGDVPL
IKQLLDIGAQTLLIPMVESAEQAELMVKATRYPPEGIRGVGAALARASRWNNISDYLQTADEQICLLVQVESKKGLDNLD
EILNVDGVDGIFIGPADLSAALGYRGNPGHEFVQNIIVQTIQKIRAAGKAAGILSADEKLAKQYLELGTEFVAVGVDTSL
LMKSMKQLLSKFKNVDGPVSTSPSVY
;
_entity_poly.pdbx_strand_id   A,B,C
#
loop_
_chem_comp.id
_chem_comp.type
_chem_comp.name
_chem_comp.formula
CA non-polymer 'CALCIUM ION' 'Ca 2'
#
# COMPACT_ATOMS: atom_id res chain seq x y z
N MET A 1 -4.34 3.25 -32.36
CA MET A 1 -2.97 3.29 -31.77
C MET A 1 -2.45 1.85 -31.58
N VAL A 2 -1.22 1.55 -32.02
CA VAL A 2 -0.57 0.25 -31.68
C VAL A 2 0.01 0.40 -30.27
N ASN A 3 0.13 -0.70 -29.52
CA ASN A 3 0.67 -0.72 -28.13
C ASN A 3 2.08 -0.10 -28.18
N THR A 4 2.44 0.67 -27.17
CA THR A 4 3.79 1.25 -26.99
C THR A 4 4.83 0.11 -27.06
N VAL A 5 5.85 0.26 -27.91
CA VAL A 5 6.86 -0.82 -28.09
C VAL A 5 7.83 -0.69 -26.91
N ASN A 6 8.16 -1.81 -26.29
CA ASN A 6 9.14 -1.85 -25.19
C ASN A 6 10.54 -2.04 -25.81
N TYR A 7 11.22 -0.93 -26.09
CA TYR A 7 12.56 -0.93 -26.69
C TYR A 7 13.54 -1.46 -25.64
N PHE A 8 13.30 -1.24 -24.35
CA PHE A 8 14.19 -1.78 -23.31
C PHE A 8 14.26 -3.30 -23.47
N LYS A 9 13.08 -3.91 -23.56
CA LYS A 9 12.97 -5.37 -23.66
C LYS A 9 13.71 -5.85 -24.92
N GLN A 10 13.53 -5.21 -26.05
CA GLN A 10 14.15 -5.65 -27.32
C GLN A 10 15.64 -5.52 -27.17
N LYS A 11 16.07 -4.41 -26.55
CA LYS A 11 17.50 -4.07 -26.48
C LYS A 11 18.24 -5.04 -25.56
N LEU A 12 17.56 -5.80 -24.71
CA LEU A 12 18.22 -6.80 -23.83
C LEU A 12 18.99 -7.80 -24.70
N LYS A 13 18.60 -8.03 -25.96
CA LYS A 13 19.23 -9.05 -26.83
C LYS A 13 20.16 -8.41 -27.86
N THR A 14 20.22 -7.07 -27.96
CA THR A 14 20.94 -6.39 -29.06
C THR A 14 21.98 -5.38 -28.57
N GLU A 15 21.95 -4.88 -27.33
CA GLU A 15 22.98 -3.92 -26.88
C GLU A 15 23.07 -3.86 -25.35
N GLN A 16 24.02 -3.06 -24.87
CA GLN A 16 24.19 -2.81 -23.43
C GLN A 16 23.58 -1.45 -23.12
N GLN A 17 22.58 -1.43 -22.26
CA GLN A 17 21.75 -0.22 -21.99
C GLN A 17 22.27 0.48 -20.72
N ILE A 18 22.54 1.76 -20.79
CA ILE A 18 23.07 2.57 -19.66
C ILE A 18 21.90 3.24 -18.94
N GLY A 19 21.85 3.12 -17.62
CA GLY A 19 20.68 3.52 -16.81
C GLY A 19 21.02 4.53 -15.74
N MET A 20 20.01 5.30 -15.37
CA MET A 20 20.05 6.26 -14.25
C MET A 20 18.96 5.83 -13.25
N TRP A 21 19.32 5.79 -11.97
CA TRP A 21 18.38 5.56 -10.85
C TRP A 21 17.61 6.85 -10.58
N VAL A 22 16.29 6.78 -10.57
CA VAL A 22 15.44 7.97 -10.36
C VAL A 22 14.76 7.78 -9.01
N GLY A 23 15.30 8.45 -8.02
CA GLY A 23 14.78 8.40 -6.64
C GLY A 23 14.35 9.74 -6.12
N LEU A 24 14.30 10.79 -6.95
CA LEU A 24 13.81 12.11 -6.45
C LEU A 24 12.29 12.12 -6.35
N ALA A 25 11.59 11.11 -6.85
CA ALA A 25 10.16 10.79 -6.52
C ALA A 25 9.21 11.92 -6.95
N ASP A 26 9.42 12.45 -8.14
CA ASP A 26 8.74 13.70 -8.52
C ASP A 26 8.68 13.79 -10.06
N GLY A 27 7.54 14.18 -10.65
CA GLY A 27 7.39 14.26 -12.11
C GLY A 27 8.38 15.27 -12.73
N TYR A 28 8.68 16.34 -12.02
CA TYR A 28 9.57 17.41 -12.52
C TYR A 28 11.02 16.90 -12.54
N CYS A 29 11.50 16.31 -11.46
CA CYS A 29 12.85 15.67 -11.42
C CYS A 29 12.98 14.54 -12.43
N ALA A 30 11.96 13.72 -12.59
CA ALA A 30 11.99 12.61 -13.57
C ALA A 30 12.18 13.19 -14.98
N GLU A 31 11.51 14.29 -15.29
CA GLU A 31 11.64 14.94 -16.62
C GLU A 31 13.09 15.46 -16.81
N ILE A 32 13.73 16.00 -15.80
CA ILE A 32 15.11 16.50 -15.98
C ILE A 32 16.01 15.32 -16.35
N ALA A 33 15.85 14.22 -15.63
CA ALA A 33 16.60 12.98 -15.89
C ALA A 33 16.28 12.52 -17.32
N ALA A 34 15.03 12.59 -17.74
CA ALA A 34 14.59 12.04 -19.06
C ALA A 34 15.29 12.83 -20.19
N ASN A 35 15.72 14.07 -19.95
CA ASN A 35 16.37 14.90 -21.01
C ASN A 35 17.80 14.45 -21.29
N VAL A 36 18.45 13.68 -20.41
CA VAL A 36 19.93 13.47 -20.49
C VAL A 36 20.28 12.54 -21.65
N GLY A 37 19.48 11.50 -21.85
CA GLY A 37 19.75 10.49 -22.88
C GLY A 37 20.13 9.14 -22.31
N TYR A 38 19.86 8.83 -21.04
CA TYR A 38 19.99 7.43 -20.56
C TYR A 38 19.09 6.49 -21.38
N ASP A 39 19.56 5.28 -21.58
CA ASP A 39 18.79 4.20 -22.25
C ASP A 39 17.56 3.84 -21.38
N TRP A 40 17.74 3.84 -20.06
CA TRP A 40 16.67 3.46 -19.11
C TRP A 40 16.76 4.30 -17.83
N LEU A 41 15.60 4.54 -17.22
CA LEU A 41 15.44 5.31 -15.97
C LEU A 41 14.77 4.34 -14.99
N LEU A 42 15.36 4.13 -13.84
CA LEU A 42 14.74 3.24 -12.82
C LEU A 42 13.94 4.10 -11.85
N ILE A 43 12.62 4.00 -11.94
CA ILE A 43 11.73 4.74 -11.03
C ILE A 43 11.60 3.88 -9.78
N ASP A 44 12.19 4.33 -8.66
CA ASP A 44 12.40 3.43 -7.48
C ASP A 44 11.22 3.51 -6.51
N GLY A 45 10.31 2.53 -6.60
CA GLY A 45 9.17 2.39 -5.68
C GLY A 45 9.55 1.68 -4.39
N GLU A 46 10.79 1.21 -4.25
CA GLU A 46 11.23 0.44 -3.07
C GLU A 46 11.99 1.35 -2.08
N HIS A 47 12.89 2.21 -2.56
CA HIS A 47 13.82 2.92 -1.67
C HIS A 47 13.63 4.43 -1.79
N ALA A 48 12.72 4.89 -2.64
CA ALA A 48 12.37 6.34 -2.73
C ALA A 48 10.90 6.48 -2.34
N PRO A 49 10.48 7.66 -1.82
CA PRO A 49 9.12 7.86 -1.32
C PRO A 49 8.13 8.01 -2.48
N ASN A 50 7.85 6.88 -3.13
CA ASN A 50 6.92 6.85 -4.28
C ASN A 50 5.70 6.00 -3.93
N ASP A 51 4.59 6.28 -4.62
CA ASP A 51 3.36 5.47 -4.57
C ASP A 51 2.87 5.34 -6.01
N VAL A 52 1.78 4.62 -6.23
CA VAL A 52 1.24 4.48 -7.61
C VAL A 52 1.09 5.85 -8.27
N ARG A 53 0.54 6.82 -7.56
CA ARG A 53 0.22 8.11 -8.21
C ARG A 53 1.50 8.91 -8.52
N SER A 54 2.50 8.89 -7.65
CA SER A 54 3.73 9.65 -7.96
C SER A 54 4.47 8.90 -9.08
N ILE A 55 4.37 7.58 -9.16
CA ILE A 55 5.08 6.84 -10.24
C ILE A 55 4.40 7.17 -11.59
N LEU A 56 3.07 7.26 -11.60
CA LEU A 56 2.27 7.66 -12.78
C LEU A 56 2.76 9.01 -13.29
N ALA A 57 2.87 9.96 -12.38
CA ALA A 57 3.33 11.32 -12.74
C ALA A 57 4.70 11.24 -13.44
N GLN A 58 5.60 10.37 -12.98
CA GLN A 58 6.96 10.22 -13.55
C GLN A 58 6.89 9.49 -14.89
N LEU A 59 6.01 8.50 -15.06
CA LEU A 59 5.82 7.85 -16.38
C LEU A 59 5.38 8.91 -17.39
N GLN A 60 4.46 9.80 -17.02
CA GLN A 60 3.87 10.80 -17.94
C GLN A 60 4.99 11.78 -18.39
N SER A 61 5.82 12.23 -17.47
CA SER A 61 6.94 13.16 -17.75
C SER A 61 7.88 12.53 -18.77
N ILE A 62 8.34 11.35 -18.42
CA ILE A 62 9.39 10.59 -19.15
C ILE A 62 8.87 10.16 -20.54
N ALA A 63 7.56 9.92 -20.70
CA ALA A 63 6.92 9.37 -21.91
C ALA A 63 7.22 10.22 -23.14
N ALA A 64 7.47 11.51 -23.02
CA ALA A 64 7.77 12.36 -24.20
C ALA A 64 9.21 12.12 -24.69
N TYR A 65 10.01 11.31 -24.00
CA TYR A 65 11.47 11.26 -24.24
C TYR A 65 11.86 9.83 -24.60
N PRO A 66 12.99 9.61 -25.30
CA PRO A 66 13.40 8.26 -25.70
C PRO A 66 13.70 7.28 -24.56
N SER A 67 14.14 7.77 -23.40
CA SER A 67 14.57 6.94 -22.24
C SER A 67 13.44 6.01 -21.85
N GLN A 68 13.73 4.72 -21.72
CA GLN A 68 12.73 3.70 -21.32
C GLN A 68 12.59 3.67 -19.79
N ALA A 69 11.35 3.64 -19.28
CA ALA A 69 11.07 3.54 -17.83
C ALA A 69 11.06 2.08 -17.39
N VAL A 70 11.74 1.84 -16.28
CA VAL A 70 11.69 0.59 -15.48
C VAL A 70 11.21 0.97 -14.07
N VAL A 71 10.22 0.26 -13.55
CA VAL A 71 9.63 0.56 -12.20
C VAL A 71 10.02 -0.57 -11.25
N ARG A 72 10.64 -0.24 -10.14
CA ARG A 72 10.88 -1.22 -9.05
C ARG A 72 9.78 -1.05 -8.00
N PRO A 73 8.81 -1.96 -7.90
CA PRO A 73 7.83 -1.90 -6.82
C PRO A 73 8.51 -2.20 -5.45
N VAL A 74 7.82 -1.87 -4.36
CA VAL A 74 8.38 -2.03 -2.99
C VAL A 74 8.65 -3.51 -2.72
N SER A 75 7.90 -4.43 -3.34
CA SER A 75 8.02 -5.88 -3.12
C SER A 75 7.26 -6.61 -4.23
N GLY A 76 7.42 -7.92 -4.31
CA GLY A 76 6.75 -8.71 -5.35
C GLY A 76 5.32 -8.97 -4.95
N ASP A 77 4.58 -7.88 -4.79
CA ASP A 77 3.19 -7.88 -4.31
C ASP A 77 2.32 -7.95 -5.59
N VAL A 78 1.46 -8.99 -5.74
CA VAL A 78 0.69 -9.20 -7.00
C VAL A 78 -0.26 -8.03 -7.25
N PRO A 79 -1.05 -7.53 -6.27
CA PRO A 79 -1.99 -6.44 -6.57
C PRO A 79 -1.21 -5.16 -6.97
N LEU A 80 -0.06 -4.90 -6.35
CA LEU A 80 0.73 -3.67 -6.62
C LEU A 80 1.30 -3.77 -8.04
N ILE A 81 1.71 -4.97 -8.44
CA ILE A 81 2.20 -5.22 -9.81
C ILE A 81 1.05 -4.93 -10.81
N LYS A 82 -0.16 -5.43 -10.53
CA LYS A 82 -1.39 -5.11 -11.29
C LYS A 82 -1.56 -3.59 -11.44
N GLN A 83 -1.41 -2.83 -10.34
CA GLN A 83 -1.54 -1.35 -10.37
C GLN A 83 -0.50 -0.70 -11.29
N LEU A 84 0.75 -1.07 -11.15
CA LEU A 84 1.87 -0.44 -11.90
C LEU A 84 1.78 -0.79 -13.39
N LEU A 85 1.34 -1.99 -13.73
CA LEU A 85 1.12 -2.34 -15.15
C LEU A 85 -0.02 -1.51 -15.74
N ASP A 86 -1.09 -1.31 -15.01
CA ASP A 86 -2.25 -0.57 -15.58
C ASP A 86 -1.93 0.91 -15.74
N ILE A 87 -1.02 1.49 -14.95
CA ILE A 87 -0.65 2.92 -15.15
C ILE A 87 0.32 3.00 -16.33
N GLY A 88 0.79 1.87 -16.81
CA GLY A 88 1.53 1.83 -18.08
C GLY A 88 3.00 1.52 -17.94
N ALA A 89 3.47 1.10 -16.77
CA ALA A 89 4.86 0.60 -16.57
C ALA A 89 5.03 -0.68 -17.39
N GLN A 90 5.94 -0.71 -18.35
CA GLN A 90 6.06 -1.90 -19.24
C GLN A 90 7.21 -2.79 -18.78
N THR A 91 8.12 -2.28 -17.97
CA THR A 91 9.25 -3.09 -17.43
C THR A 91 9.24 -2.96 -15.91
N LEU A 92 9.22 -4.08 -15.21
CA LEU A 92 9.27 -4.10 -13.73
C LEU A 92 10.54 -4.80 -13.23
N LEU A 93 11.12 -4.25 -12.18
CA LEU A 93 12.25 -4.87 -11.46
C LEU A 93 11.73 -5.28 -10.08
N ILE A 94 11.55 -6.57 -9.86
CA ILE A 94 10.99 -7.11 -8.59
C ILE A 94 12.13 -7.31 -7.61
N PRO A 95 12.10 -6.63 -6.45
CA PRO A 95 13.10 -6.87 -5.43
C PRO A 95 12.90 -8.22 -4.72
N MET A 96 14.02 -8.74 -4.23
N MET A 96 14.02 -8.69 -4.17
CA MET A 96 14.07 -9.75 -3.14
CA MET A 96 14.15 -9.79 -3.18
C MET A 96 13.42 -11.04 -3.64
C MET A 96 13.41 -11.02 -3.67
N VAL A 97 13.75 -11.47 -4.86
CA VAL A 97 13.25 -12.74 -5.43
C VAL A 97 14.23 -13.84 -5.06
N GLU A 98 13.70 -14.92 -4.48
CA GLU A 98 14.53 -15.88 -3.72
C GLU A 98 14.20 -17.31 -4.12
N SER A 99 13.25 -17.54 -5.02
CA SER A 99 12.93 -18.92 -5.45
C SER A 99 12.31 -18.93 -6.84
N ALA A 100 12.41 -20.07 -7.50
CA ALA A 100 11.74 -20.36 -8.77
C ALA A 100 10.24 -20.13 -8.55
N GLU A 101 9.69 -20.59 -7.44
CA GLU A 101 8.23 -20.53 -7.17
C GLU A 101 7.83 -19.03 -7.16
N GLN A 102 8.64 -18.19 -6.53
CA GLN A 102 8.30 -16.77 -6.39
C GLN A 102 8.49 -16.11 -7.77
N ALA A 103 9.52 -16.50 -8.50
CA ALA A 103 9.76 -15.93 -9.85
C ALA A 103 8.59 -16.30 -10.79
N GLU A 104 8.09 -17.54 -10.76
CA GLU A 104 6.95 -17.94 -11.63
C GLU A 104 5.73 -17.12 -11.25
N LEU A 105 5.52 -16.88 -9.96
CA LEU A 105 4.33 -16.10 -9.54
C LEU A 105 4.43 -14.67 -10.11
N MET A 106 5.62 -14.09 -10.13
CA MET A 106 5.87 -12.75 -10.68
C MET A 106 5.61 -12.78 -12.19
N VAL A 107 6.01 -13.84 -12.89
CA VAL A 107 5.66 -13.99 -14.34
C VAL A 107 4.14 -13.94 -14.51
N LYS A 108 3.43 -14.76 -13.76
CA LYS A 108 1.96 -14.83 -13.83
C LYS A 108 1.37 -13.45 -13.50
N ALA A 109 1.94 -12.71 -12.55
CA ALA A 109 1.38 -11.43 -12.07
C ALA A 109 1.39 -10.43 -13.22
N THR A 110 2.27 -10.64 -14.21
CA THR A 110 2.48 -9.72 -15.35
C THR A 110 1.71 -10.16 -16.60
N ARG A 111 0.98 -11.28 -16.58
CA ARG A 111 0.32 -11.80 -17.78
C ARG A 111 -1.17 -11.99 -17.54
N TYR A 112 -1.97 -11.66 -18.54
CA TYR A 112 -3.43 -11.78 -18.42
C TYR A 112 -3.84 -13.24 -18.29
N PRO A 113 -5.00 -13.51 -17.64
CA PRO A 113 -5.58 -14.84 -17.66
C PRO A 113 -6.00 -15.11 -19.10
N PRO A 114 -6.03 -16.38 -19.52
CA PRO A 114 -5.92 -17.52 -18.61
C PRO A 114 -4.48 -17.95 -18.29
N GLU A 115 -3.48 -17.43 -19.01
CA GLU A 115 -2.06 -17.84 -18.84
C GLU A 115 -1.51 -17.25 -17.53
N GLY A 116 -1.96 -16.06 -17.13
CA GLY A 116 -1.43 -15.43 -15.91
C GLY A 116 -2.53 -14.99 -15.00
N ILE A 117 -2.23 -14.07 -14.07
CA ILE A 117 -3.21 -13.65 -13.04
C ILE A 117 -3.32 -12.13 -12.98
N ARG A 118 -2.82 -11.42 -13.99
CA ARG A 118 -2.97 -9.95 -14.07
C ARG A 118 -4.45 -9.60 -14.17
N GLY A 119 -4.93 -8.79 -13.23
CA GLY A 119 -6.32 -8.29 -13.25
C GLY A 119 -6.58 -7.49 -14.53
N VAL A 120 -7.76 -7.71 -15.11
CA VAL A 120 -8.25 -7.11 -16.37
C VAL A 120 -9.05 -5.84 -16.02
N GLY A 121 -8.55 -4.71 -16.49
CA GLY A 121 -9.20 -3.39 -16.40
C GLY A 121 -8.70 -2.43 -17.46
N ALA A 122 -8.83 -2.78 -18.74
CA ALA A 122 -8.23 -2.03 -19.86
C ALA A 122 -8.98 -0.72 -20.10
N ALA A 123 -10.29 -0.70 -19.99
CA ALA A 123 -11.06 0.54 -20.18
C ALA A 123 -10.48 1.63 -19.29
N LEU A 124 -9.93 1.31 -18.11
CA LEU A 124 -9.62 2.36 -17.10
C LEU A 124 -8.16 2.79 -17.15
N ALA A 125 -7.32 2.10 -17.91
CA ALA A 125 -5.89 2.11 -17.61
C ALA A 125 -5.17 2.99 -18.63
N ARG A 126 -4.19 3.75 -18.15
CA ARG A 126 -3.27 4.41 -19.09
C ARG A 126 -2.62 3.35 -19.99
N ALA A 127 -2.43 2.13 -19.49
CA ALA A 127 -1.69 1.08 -20.23
C ALA A 127 -2.34 0.82 -21.60
N SER A 128 -3.66 0.87 -21.69
CA SER A 128 -4.39 0.64 -22.96
C SER A 128 -4.69 1.98 -23.61
N ARG A 129 -4.23 3.06 -23.01
CA ARG A 129 -4.69 4.44 -23.30
C ARG A 129 -6.22 4.46 -23.36
N TRP A 130 -6.84 3.94 -22.32
CA TRP A 130 -8.31 3.89 -22.06
C TRP A 130 -9.00 3.28 -23.28
N ASN A 131 -8.45 2.16 -23.75
CA ASN A 131 -8.88 1.39 -24.94
C ASN A 131 -8.63 2.12 -26.26
N ASN A 132 -7.88 3.21 -26.27
CA ASN A 132 -7.46 3.82 -27.56
C ASN A 132 -6.44 2.90 -28.25
N ILE A 133 -5.75 2.02 -27.51
CA ILE A 133 -5.00 0.85 -28.06
C ILE A 133 -6.02 -0.30 -28.19
N SER A 134 -6.60 -0.47 -29.38
CA SER A 134 -7.86 -1.25 -29.60
C SER A 134 -7.63 -2.74 -29.29
N ASP A 135 -6.41 -3.24 -29.47
CA ASP A 135 -6.11 -4.68 -29.39
C ASP A 135 -5.34 -4.96 -28.09
N TYR A 136 -5.35 -4.01 -27.15
CA TYR A 136 -4.47 -4.05 -25.95
C TYR A 136 -4.50 -5.43 -25.29
N LEU A 137 -5.67 -5.99 -24.99
CA LEU A 137 -5.70 -7.24 -24.20
C LEU A 137 -5.11 -8.39 -25.00
N GLN A 138 -5.05 -8.31 -26.32
CA GLN A 138 -4.38 -9.36 -27.14
C GLN A 138 -2.85 -9.13 -27.18
N THR A 139 -2.39 -7.89 -27.22
CA THR A 139 -0.98 -7.51 -27.53
C THR A 139 -0.16 -7.11 -26.28
N ALA A 140 -0.77 -6.95 -25.11
CA ALA A 140 -0.10 -6.36 -23.94
C ALA A 140 1.11 -7.23 -23.55
N ASP A 141 0.93 -8.55 -23.43
CA ASP A 141 1.95 -9.43 -22.79
C ASP A 141 3.28 -9.26 -23.57
N GLU A 142 3.24 -9.16 -24.90
CA GLU A 142 4.44 -9.10 -25.78
C GLU A 142 5.37 -7.98 -25.31
N GLN A 143 4.85 -6.82 -24.88
CA GLN A 143 5.68 -5.62 -24.57
C GLN A 143 5.92 -5.46 -23.06
N ILE A 144 5.58 -6.46 -22.26
CA ILE A 144 5.90 -6.45 -20.80
C ILE A 144 7.23 -7.19 -20.60
N CYS A 145 8.15 -6.58 -19.86
CA CYS A 145 9.49 -7.14 -19.54
C CYS A 145 9.55 -7.36 -18.03
N LEU A 146 9.87 -8.57 -17.55
CA LEU A 146 10.01 -8.87 -16.09
C LEU A 146 11.47 -9.07 -15.72
N LEU A 147 11.95 -8.22 -14.81
CA LEU A 147 13.29 -8.38 -14.23
C LEU A 147 13.09 -8.75 -12.76
N VAL A 148 13.94 -9.60 -12.22
CA VAL A 148 13.93 -9.90 -10.77
C VAL A 148 15.31 -9.60 -10.19
N GLN A 149 15.35 -9.18 -8.94
CA GLN A 149 16.59 -8.93 -8.21
C GLN A 149 16.92 -10.14 -7.36
N VAL A 150 18.17 -10.58 -7.42
CA VAL A 150 18.75 -11.55 -6.46
C VAL A 150 19.68 -10.78 -5.52
N GLU A 151 19.35 -10.77 -4.24
CA GLU A 151 20.03 -9.88 -3.27
C GLU A 151 20.18 -10.54 -1.88
N SER A 152 20.06 -11.85 -1.79
CA SER A 152 20.13 -12.61 -0.51
C SER A 152 20.84 -13.94 -0.75
N LYS A 153 21.32 -14.57 0.32
CA LYS A 153 21.98 -15.91 0.20
C LYS A 153 20.97 -16.86 -0.39
N LYS A 154 19.70 -16.78 0.04
CA LYS A 154 18.67 -17.72 -0.46
C LYS A 154 18.46 -17.56 -1.96
N GLY A 155 18.44 -16.32 -2.47
CA GLY A 155 18.35 -16.11 -3.91
C GLY A 155 19.54 -16.76 -4.61
N LEU A 156 20.76 -16.50 -4.13
CA LEU A 156 21.96 -17.14 -4.74
C LEU A 156 21.88 -18.66 -4.63
N ASP A 157 21.19 -19.16 -3.61
CA ASP A 157 21.06 -20.61 -3.35
C ASP A 157 20.02 -21.17 -4.31
N ASN A 158 19.28 -20.29 -4.97
CA ASN A 158 18.18 -20.69 -5.89
C ASN A 158 18.38 -20.07 -7.27
N LEU A 159 19.58 -19.56 -7.55
CA LEU A 159 19.91 -18.86 -8.82
C LEU A 159 19.66 -19.75 -10.02
N ASP A 160 20.15 -21.00 -10.03
CA ASP A 160 19.96 -21.87 -11.22
C ASP A 160 18.47 -22.05 -11.46
N GLU A 161 17.68 -22.22 -10.41
CA GLU A 161 16.21 -22.49 -10.54
C GLU A 161 15.48 -21.25 -11.05
N ILE A 162 15.81 -20.08 -10.54
CA ILE A 162 15.20 -18.81 -11.00
C ILE A 162 15.57 -18.64 -12.48
N LEU A 163 16.81 -18.95 -12.83
CA LEU A 163 17.31 -18.75 -14.20
C LEU A 163 16.62 -19.71 -15.18
N ASN A 164 15.98 -20.79 -14.74
CA ASN A 164 15.21 -21.65 -15.67
C ASN A 164 13.74 -21.26 -15.70
N VAL A 165 13.33 -20.14 -15.08
CA VAL A 165 11.90 -19.70 -15.13
C VAL A 165 11.67 -18.96 -16.45
N ASP A 166 10.86 -19.54 -17.33
CA ASP A 166 10.41 -18.86 -18.58
C ASP A 166 9.61 -17.62 -18.18
N GLY A 167 10.03 -16.49 -18.70
CA GLY A 167 9.32 -15.21 -18.53
C GLY A 167 10.08 -14.29 -17.62
N VAL A 168 11.09 -14.80 -16.90
CA VAL A 168 12.10 -13.92 -16.27
C VAL A 168 13.02 -13.46 -17.40
N ASP A 169 12.98 -12.18 -17.79
CA ASP A 169 13.80 -11.68 -18.93
C ASP A 169 15.22 -11.35 -18.45
N GLY A 170 15.38 -11.05 -17.15
CA GLY A 170 16.65 -10.52 -16.62
C GLY A 170 16.73 -10.68 -15.12
N ILE A 171 17.95 -10.82 -14.66
CA ILE A 171 18.26 -10.82 -13.21
C ILE A 171 19.20 -9.65 -12.97
N PHE A 172 18.77 -8.78 -12.08
CA PHE A 172 19.55 -7.61 -11.62
C PHE A 172 20.19 -7.99 -10.31
N ILE A 173 21.44 -7.59 -10.14
CA ILE A 173 22.21 -7.77 -8.88
C ILE A 173 22.48 -6.41 -8.28
N GLY A 174 21.94 -6.16 -7.10
CA GLY A 174 22.14 -4.91 -6.34
C GLY A 174 23.23 -5.15 -5.31
N PRO A 175 24.44 -4.64 -5.55
CA PRO A 175 25.58 -4.92 -4.67
C PRO A 175 25.29 -4.53 -3.20
N ALA A 176 24.47 -3.50 -2.96
CA ALA A 176 24.18 -3.03 -1.60
C ALA A 176 23.56 -4.15 -0.77
N ASP A 177 22.38 -4.68 -1.16
CA ASP A 177 21.71 -5.70 -0.31
C ASP A 177 22.57 -6.96 -0.34
N LEU A 178 23.30 -7.22 -1.43
CA LEU A 178 24.04 -8.51 -1.57
C LEU A 178 25.29 -8.46 -0.68
N SER A 179 26.06 -7.38 -0.75
CA SER A 179 27.19 -7.10 0.15
C SER A 179 26.73 -7.25 1.62
N ALA A 180 25.58 -6.67 1.96
CA ALA A 180 25.03 -6.70 3.34
C ALA A 180 24.64 -8.14 3.69
N ALA A 181 23.93 -8.83 2.80
CA ALA A 181 23.53 -10.22 3.07
C ALA A 181 24.79 -11.07 3.31
N LEU A 182 25.92 -10.74 2.67
CA LEU A 182 27.16 -11.57 2.74
C LEU A 182 28.02 -11.17 3.96
N GLY A 183 27.59 -10.19 4.76
CA GLY A 183 28.30 -9.74 5.98
C GLY A 183 29.33 -8.66 5.69
N TYR A 184 29.22 -8.00 4.54
CA TYR A 184 30.07 -6.82 4.18
C TYR A 184 29.14 -5.62 3.91
N ARG A 185 28.21 -5.37 4.83
CA ARG A 185 27.30 -4.21 4.72
C ARG A 185 28.10 -2.92 4.47
N GLY A 186 27.81 -2.25 3.37
CA GLY A 186 28.40 -0.95 3.02
C GLY A 186 29.72 -1.09 2.30
N ASN A 187 30.19 -2.32 2.07
CA ASN A 187 31.51 -2.53 1.43
C ASN A 187 31.39 -3.58 0.34
N PRO A 188 30.57 -3.32 -0.71
CA PRO A 188 30.45 -4.23 -1.86
C PRO A 188 31.77 -4.45 -2.63
N GLY A 189 32.75 -3.54 -2.45
CA GLY A 189 34.08 -3.55 -3.10
C GLY A 189 34.96 -4.75 -2.70
N HIS A 190 34.66 -5.44 -1.61
CA HIS A 190 35.44 -6.63 -1.17
C HIS A 190 35.48 -7.73 -2.25
N GLU A 191 36.65 -8.30 -2.43
CA GLU A 191 36.96 -9.38 -3.40
C GLU A 191 35.96 -10.53 -3.24
N PHE A 192 35.60 -10.88 -2.03
CA PHE A 192 34.67 -12.02 -1.74
C PHE A 192 33.33 -11.75 -2.42
N VAL A 193 32.86 -10.51 -2.29
CA VAL A 193 31.58 -10.06 -2.89
C VAL A 193 31.75 -9.95 -4.41
N GLN A 194 32.82 -9.33 -4.88
CA GLN A 194 33.00 -9.09 -6.33
C GLN A 194 33.09 -10.42 -7.07
N ASN A 195 33.77 -11.42 -6.49
CA ASN A 195 33.90 -12.74 -7.14
C ASN A 195 32.50 -13.33 -7.28
N ILE A 196 31.66 -13.17 -6.26
CA ILE A 196 30.28 -13.72 -6.30
C ILE A 196 29.48 -12.95 -7.35
N ILE A 197 29.67 -11.64 -7.46
CA ILE A 197 28.92 -10.83 -8.47
C ILE A 197 29.30 -11.31 -9.87
N VAL A 198 30.58 -11.51 -10.16
CA VAL A 198 31.08 -11.86 -11.53
C VAL A 198 30.55 -13.25 -11.92
N GLN A 199 30.68 -14.20 -11.02
CA GLN A 199 30.18 -15.59 -11.22
C GLN A 199 28.68 -15.53 -11.51
N THR A 200 27.92 -14.77 -10.71
CA THR A 200 26.46 -14.59 -10.86
C THR A 200 26.18 -14.05 -12.26
N ILE A 201 26.86 -12.99 -12.69
CA ILE A 201 26.61 -12.37 -14.03
C ILE A 201 26.89 -13.45 -15.09
N GLN A 202 28.01 -14.16 -14.96
CA GLN A 202 28.37 -15.26 -15.90
C GLN A 202 27.25 -16.31 -16.00
N LYS A 203 26.70 -16.76 -14.87
CA LYS A 203 25.67 -17.81 -14.83
C LYS A 203 24.39 -17.26 -15.49
N ILE A 204 24.04 -16.03 -15.14
CA ILE A 204 22.86 -15.35 -15.73
C ILE A 204 22.98 -15.38 -17.26
N ARG A 205 24.09 -14.92 -17.81
CA ARG A 205 24.23 -14.80 -19.27
C ARG A 205 24.31 -16.21 -19.89
N ALA A 206 24.90 -17.17 -19.20
CA ALA A 206 25.05 -18.57 -19.68
C ALA A 206 23.65 -19.18 -19.85
N ALA A 207 22.67 -18.78 -19.02
CA ALA A 207 21.29 -19.29 -19.07
C ALA A 207 20.43 -18.48 -20.07
N GLY A 208 21.00 -17.57 -20.85
CA GLY A 208 20.31 -16.84 -21.93
C GLY A 208 19.48 -15.68 -21.41
N LYS A 209 19.67 -15.27 -20.15
CA LYS A 209 18.91 -14.13 -19.56
C LYS A 209 19.79 -12.92 -19.54
N ALA A 210 19.18 -11.73 -19.47
CA ALA A 210 19.92 -10.46 -19.36
C ALA A 210 20.38 -10.31 -17.92
N ALA A 211 21.60 -9.84 -17.73
CA ALA A 211 22.17 -9.52 -16.40
C ALA A 211 22.13 -8.02 -16.24
N GLY A 212 21.87 -7.56 -15.02
CA GLY A 212 21.84 -6.14 -14.72
C GLY A 212 22.55 -5.85 -13.42
N ILE A 213 22.93 -4.60 -13.25
CA ILE A 213 23.62 -4.19 -12.00
C ILE A 213 23.61 -2.67 -11.93
N LEU A 214 23.81 -2.17 -10.74
CA LEU A 214 24.05 -0.73 -10.48
C LEU A 214 25.43 -0.57 -9.84
N SER A 215 26.22 0.35 -10.37
CA SER A 215 27.41 0.84 -9.66
C SER A 215 27.66 2.28 -10.02
N ALA A 216 27.74 3.13 -9.00
CA ALA A 216 28.21 4.52 -9.10
C ALA A 216 29.73 4.55 -9.27
N ASP A 217 30.42 3.43 -9.08
CA ASP A 217 31.89 3.36 -9.32
C ASP A 217 32.11 3.14 -10.83
N GLU A 218 32.72 4.12 -11.49
CA GLU A 218 32.99 4.11 -12.94
C GLU A 218 33.82 2.88 -13.29
N LYS A 219 34.87 2.59 -12.52
CA LYS A 219 35.73 1.41 -12.80
C LYS A 219 34.87 0.15 -12.74
N LEU A 220 34.05 -0.05 -11.70
CA LEU A 220 33.26 -1.31 -11.59
C LEU A 220 32.22 -1.34 -12.70
N ALA A 221 31.58 -0.20 -13.01
CA ALA A 221 30.57 -0.14 -14.07
C ALA A 221 31.22 -0.58 -15.39
N LYS A 222 32.36 -0.02 -15.75
CA LYS A 222 33.01 -0.39 -17.03
C LYS A 222 33.46 -1.86 -17.00
N GLN A 223 33.90 -2.36 -15.84
CA GLN A 223 34.25 -3.79 -15.68
C GLN A 223 32.98 -4.60 -15.95
N TYR A 224 31.83 -4.22 -15.40
CA TYR A 224 30.59 -5.02 -15.61
C TYR A 224 30.19 -4.96 -17.10
N LEU A 225 30.35 -3.79 -17.74
CA LEU A 225 30.10 -3.67 -19.20
C LEU A 225 31.09 -4.55 -19.99
N GLU A 226 32.35 -4.68 -19.57
CA GLU A 226 33.32 -5.57 -20.26
C GLU A 226 32.85 -7.03 -20.19
N LEU A 227 32.15 -7.45 -19.15
CA LEU A 227 31.67 -8.84 -19.01
C LEU A 227 30.43 -9.11 -19.89
N GLY A 228 29.81 -8.08 -20.47
CA GLY A 228 28.66 -8.18 -21.38
C GLY A 228 27.37 -7.86 -20.64
N THR A 229 27.44 -7.36 -19.41
CA THR A 229 26.22 -7.07 -18.60
C THR A 229 25.30 -6.17 -19.47
N GLU A 230 24.04 -6.59 -19.64
CA GLU A 230 23.07 -6.05 -20.64
C GLU A 230 22.46 -4.72 -20.17
N PHE A 231 22.22 -4.57 -18.87
CA PHE A 231 21.60 -3.32 -18.33
C PHE A 231 22.39 -2.90 -17.09
N VAL A 232 23.10 -1.79 -17.25
CA VAL A 232 23.98 -1.24 -16.19
C VAL A 232 23.53 0.18 -15.85
N ALA A 233 23.11 0.37 -14.59
CA ALA A 233 22.83 1.72 -14.04
C ALA A 233 24.15 2.25 -13.48
N VAL A 234 24.46 3.49 -13.81
CA VAL A 234 25.83 4.01 -13.58
C VAL A 234 25.78 5.13 -12.53
N GLY A 235 24.59 5.48 -12.03
CA GLY A 235 24.44 6.52 -10.99
C GLY A 235 23.02 6.66 -10.46
N VAL A 236 22.84 7.57 -9.53
CA VAL A 236 21.56 7.76 -8.79
C VAL A 236 21.32 9.27 -8.72
N ASP A 237 20.13 9.74 -9.05
CA ASP A 237 19.83 11.20 -9.10
C ASP A 237 20.12 11.83 -7.72
N THR A 238 19.59 11.26 -6.63
CA THR A 238 19.80 11.82 -5.28
C THR A 238 21.29 11.97 -5.02
N SER A 239 22.10 10.93 -5.29
CA SER A 239 23.57 10.98 -5.04
C SER A 239 24.20 12.04 -5.93
N LEU A 240 23.86 12.10 -7.22
CA LEU A 240 24.47 13.13 -8.10
C LEU A 240 24.12 14.54 -7.62
N LEU A 241 22.87 14.75 -7.20
CA LEU A 241 22.47 16.07 -6.72
C LEU A 241 23.29 16.41 -5.47
N MET A 242 23.30 15.54 -4.46
CA MET A 242 24.00 15.78 -3.18
C MET A 242 25.49 16.03 -3.44
N LYS A 243 26.14 15.18 -4.22
CA LYS A 243 27.60 15.24 -4.41
C LYS A 243 27.94 16.51 -5.21
N SER A 244 27.20 16.82 -6.28
CA SER A 244 27.49 18.01 -7.09
C SER A 244 27.39 19.26 -6.20
N MET A 245 26.41 19.30 -5.29
CA MET A 245 26.22 20.48 -4.41
C MET A 245 27.34 20.52 -3.36
N LYS A 246 27.74 19.37 -2.81
CA LYS A 246 28.83 19.33 -1.81
C LYS A 246 30.15 19.74 -2.49
N GLN A 247 30.42 19.23 -3.68
CA GLN A 247 31.69 19.50 -4.42
C GLN A 247 31.77 21.01 -4.70
N LEU A 248 30.68 21.61 -5.14
CA LEU A 248 30.66 23.05 -5.44
C LEU A 248 30.91 23.84 -4.15
N LEU A 249 30.24 23.49 -3.05
CA LEU A 249 30.42 24.30 -1.82
C LEU A 249 31.89 24.22 -1.36
N SER A 250 32.53 23.05 -1.45
CA SER A 250 33.95 22.81 -1.05
C SER A 250 34.92 23.79 -1.75
N LYS A 251 34.60 24.30 -2.94
CA LYS A 251 35.43 25.27 -3.69
C LYS A 251 35.38 26.64 -3.00
N PHE A 252 34.44 26.86 -2.08
CA PHE A 252 34.24 28.17 -1.43
C PHE A 252 34.26 28.09 0.10
N LYS A 253 34.27 26.87 0.67
CA LYS A 253 33.79 26.44 2.02
C LYS A 253 32.99 27.56 2.71
N MET B 1 28.05 14.27 8.82
CA MET B 1 26.93 14.31 9.79
C MET B 1 26.89 12.99 10.57
N VAL B 2 26.70 13.04 11.90
CA VAL B 2 26.40 11.83 12.73
C VAL B 2 24.88 11.60 12.63
N ASN B 3 24.45 10.33 12.74
CA ASN B 3 23.03 9.88 12.65
C ASN B 3 22.23 10.65 13.72
N THR B 4 20.99 11.00 13.41
CA THR B 4 20.05 11.65 14.37
C THR B 4 19.97 10.77 15.64
N VAL B 5 20.21 11.34 16.82
CA VAL B 5 20.17 10.54 18.07
C VAL B 5 18.68 10.33 18.34
N ASN B 6 18.28 9.09 18.66
CA ASN B 6 16.87 8.78 19.00
C ASN B 6 16.72 9.00 20.51
N TYR B 7 16.31 10.22 20.87
CA TYR B 7 16.16 10.65 22.28
C TYR B 7 14.94 9.93 22.87
N PHE B 8 13.92 9.62 22.05
CA PHE B 8 12.73 8.88 22.53
C PHE B 8 13.24 7.54 23.06
N LYS B 9 14.08 6.89 22.28
CA LYS B 9 14.59 5.56 22.67
C LYS B 9 15.35 5.66 23.99
N GLN B 10 16.20 6.66 24.16
CA GLN B 10 17.05 6.84 25.37
C GLN B 10 16.16 7.10 26.57
N LYS B 11 15.16 7.95 26.36
CA LYS B 11 14.28 8.39 27.46
C LYS B 11 13.41 7.23 27.96
N LEU B 12 13.24 6.16 27.21
CA LEU B 12 12.43 5.01 27.65
C LEU B 12 12.99 4.47 28.98
N LYS B 13 14.27 4.69 29.26
CA LYS B 13 14.95 4.15 30.45
C LYS B 13 15.21 5.25 31.49
N THR B 14 14.92 6.53 31.20
CA THR B 14 15.32 7.64 32.09
C THR B 14 14.15 8.53 32.48
N GLU B 15 13.02 8.54 31.77
CA GLU B 15 11.91 9.43 32.18
C GLU B 15 10.57 8.95 31.62
N GLN B 16 9.52 9.66 31.95
CA GLN B 16 8.16 9.36 31.45
C GLN B 16 7.81 10.39 30.38
N GLN B 17 7.54 9.96 29.16
CA GLN B 17 7.43 10.86 27.98
C GLN B 17 5.95 11.08 27.66
N ILE B 18 5.54 12.32 27.53
CA ILE B 18 4.13 12.73 27.27
C ILE B 18 3.96 12.92 25.76
N GLY B 19 2.93 12.29 25.21
CA GLY B 19 2.70 12.14 23.77
C GLY B 19 1.42 12.79 23.33
N MET B 20 1.39 13.24 22.06
CA MET B 20 0.18 13.72 21.35
C MET B 20 0.02 12.85 20.10
N TRP B 21 -1.19 12.32 19.89
CA TRP B 21 -1.58 11.62 18.65
C TRP B 21 -1.74 12.64 17.53
N VAL B 22 -1.12 12.37 16.40
CA VAL B 22 -1.19 13.24 15.21
C VAL B 22 -1.91 12.47 14.10
N GLY B 23 -3.21 12.75 13.94
CA GLY B 23 -3.98 12.14 12.86
C GLY B 23 -4.58 13.17 11.93
N LEU B 24 -4.13 14.41 11.96
CA LEU B 24 -4.63 15.40 10.95
C LEU B 24 -3.98 15.19 9.58
N ALA B 25 -2.96 14.33 9.47
CA ALA B 25 -2.46 13.71 8.24
C ALA B 25 -1.91 14.80 7.31
N ASP B 26 -1.16 15.73 7.86
CA ASP B 26 -0.87 16.96 7.12
C ASP B 26 0.43 17.58 7.68
N GLY B 27 1.36 17.98 6.83
CA GLY B 27 2.64 18.59 7.26
C GLY B 27 2.41 19.87 8.06
N TYR B 28 1.43 20.65 7.67
CA TYR B 28 1.10 21.95 8.31
C TYR B 28 0.56 21.67 9.72
N CYS B 29 -0.43 20.81 9.85
CA CYS B 29 -0.97 20.38 11.19
C CYS B 29 0.10 19.72 12.05
N ALA B 30 0.94 18.89 11.46
CA ALA B 30 2.03 18.24 12.23
C ALA B 30 2.96 19.32 12.82
N GLU B 31 3.25 20.37 12.05
CA GLU B 31 4.12 21.45 12.54
C GLU B 31 3.43 22.19 13.71
N ILE B 32 2.13 22.42 13.66
CA ILE B 32 1.45 23.12 14.79
C ILE B 32 1.67 22.28 16.06
N ALA B 33 1.41 20.98 15.95
CA ALA B 33 1.56 20.03 17.07
C ALA B 33 3.01 20.06 17.53
N ALA B 34 3.97 20.14 16.62
CA ALA B 34 5.41 20.11 16.97
C ALA B 34 5.83 21.32 17.83
N ASN B 35 5.14 22.45 17.74
CA ASN B 35 5.51 23.67 18.51
C ASN B 35 5.10 23.58 19.98
N VAL B 36 4.25 22.64 20.35
CA VAL B 36 3.61 22.62 21.71
C VAL B 36 4.64 22.20 22.77
N GLY B 37 5.44 21.18 22.50
CA GLY B 37 6.45 20.74 23.47
C GLY B 37 6.22 19.32 23.97
N TYR B 38 5.36 18.54 23.31
CA TYR B 38 5.21 17.10 23.64
C TYR B 38 6.55 16.40 23.49
N ASP B 39 6.84 15.45 24.37
CA ASP B 39 8.04 14.58 24.28
C ASP B 39 8.01 13.78 22.98
N TRP B 40 6.81 13.31 22.59
CA TRP B 40 6.67 12.51 21.36
C TRP B 40 5.35 12.83 20.64
N LEU B 41 5.37 12.63 19.34
CA LEU B 41 4.23 12.85 18.44
C LEU B 41 4.00 11.53 17.71
N LEU B 42 2.77 11.02 17.72
CA LEU B 42 2.49 9.72 17.09
C LEU B 42 1.86 10.00 15.72
N ILE B 43 2.61 9.78 14.65
CA ILE B 43 2.10 10.00 13.27
C ILE B 43 1.35 8.73 12.91
N ASP B 44 0.02 8.80 12.85
CA ASP B 44 -0.82 7.57 12.78
C ASP B 44 -1.07 7.14 11.33
N GLY B 45 -0.33 6.12 10.87
CA GLY B 45 -0.51 5.53 9.53
C GLY B 45 -1.55 4.45 9.51
N GLU B 46 -2.14 4.14 10.65
CA GLU B 46 -3.12 3.05 10.77
C GLU B 46 -4.53 3.64 10.75
N HIS B 47 -4.82 4.70 11.49
CA HIS B 47 -6.22 5.16 11.68
C HIS B 47 -6.42 6.57 11.17
N ALA B 48 -5.40 7.19 10.58
CA ALA B 48 -5.55 8.50 9.88
C ALA B 48 -5.18 8.30 8.43
N PRO B 49 -5.69 9.14 7.48
CA PRO B 49 -5.47 8.95 6.04
C PRO B 49 -4.06 9.38 5.58
N ASN B 50 -3.09 8.57 5.98
CA ASN B 50 -1.66 8.84 5.70
C ASN B 50 -1.14 7.75 4.77
N ASP B 51 -0.11 8.10 4.00
CA ASP B 51 0.67 7.14 3.20
C ASP B 51 2.13 7.49 3.42
N VAL B 52 3.04 6.78 2.78
CA VAL B 52 4.49 7.10 2.98
C VAL B 52 4.75 8.59 2.69
N ARG B 53 4.20 9.11 1.61
CA ARG B 53 4.57 10.50 1.23
C ARG B 53 4.00 11.50 2.25
N SER B 54 2.78 11.32 2.78
CA SER B 54 2.23 12.30 3.74
C SER B 54 3.00 12.16 5.08
N ILE B 55 3.45 10.97 5.42
CA ILE B 55 4.24 10.75 6.67
C ILE B 55 5.60 11.46 6.49
N LEU B 56 6.21 11.38 5.29
CA LEU B 56 7.51 12.05 5.04
C LEU B 56 7.36 13.56 5.30
N ALA B 57 6.31 14.14 4.78
CA ALA B 57 6.05 15.58 4.90
C ALA B 57 5.97 15.94 6.39
N GLN B 58 5.30 15.10 7.17
CA GLN B 58 5.09 15.35 8.63
C GLN B 58 6.40 15.19 9.38
N LEU B 59 7.22 14.21 9.01
CA LEU B 59 8.60 14.06 9.56
C LEU B 59 9.40 15.33 9.29
N GLN B 60 9.39 15.84 8.06
CA GLN B 60 10.15 17.05 7.66
C GLN B 60 9.70 18.26 8.51
N SER B 61 8.41 18.42 8.71
CA SER B 61 7.84 19.53 9.52
C SER B 61 8.42 19.47 10.94
N ILE B 62 8.23 18.32 11.56
CA ILE B 62 8.52 18.03 13.00
C ILE B 62 10.04 18.06 13.24
N ALA B 63 10.86 17.72 12.24
CA ALA B 63 12.33 17.63 12.36
C ALA B 63 12.94 18.91 12.94
N ALA B 64 12.34 20.10 12.75
CA ALA B 64 12.98 21.35 13.22
C ALA B 64 12.75 21.52 14.72
N TYR B 65 12.00 20.61 15.35
CA TYR B 65 11.50 20.81 16.73
C TYR B 65 11.98 19.69 17.61
N PRO B 66 12.08 19.90 18.93
CA PRO B 66 12.54 18.85 19.83
C PRO B 66 11.66 17.58 19.91
N SER B 67 10.36 17.70 19.69
CA SER B 67 9.40 16.57 19.78
C SER B 67 9.87 15.40 18.91
N GLN B 68 9.88 14.20 19.47
CA GLN B 68 10.35 12.98 18.78
C GLN B 68 9.18 12.37 18.01
N ALA B 69 9.39 11.98 16.76
CA ALA B 69 8.34 11.33 15.94
C ALA B 69 8.37 9.82 16.14
N VAL B 70 7.19 9.30 16.36
CA VAL B 70 6.87 7.86 16.36
C VAL B 70 5.85 7.63 15.25
N VAL B 71 6.09 6.63 14.43
CA VAL B 71 5.19 6.35 13.27
C VAL B 71 4.48 5.03 13.51
N ARG B 72 3.15 5.02 13.41
CA ARG B 72 2.39 3.75 13.48
C ARG B 72 2.02 3.36 12.05
N PRO B 73 2.64 2.31 11.49
CA PRO B 73 2.23 1.85 10.16
C PRO B 73 0.87 1.14 10.21
N VAL B 74 0.22 0.97 9.05
CA VAL B 74 -1.16 0.39 9.05
C VAL B 74 -1.11 -1.03 9.60
N SER B 75 0.03 -1.73 9.50
CA SER B 75 0.13 -3.13 9.92
C SER B 75 1.62 -3.53 9.94
N GLY B 76 1.93 -4.69 10.50
CA GLY B 76 3.33 -5.12 10.58
C GLY B 76 3.78 -5.68 9.26
N ASP B 77 3.74 -4.84 8.24
CA ASP B 77 4.08 -5.19 6.85
C ASP B 77 5.58 -4.91 6.68
N VAL B 78 6.37 -5.93 6.33
CA VAL B 78 7.86 -5.78 6.31
C VAL B 78 8.25 -4.75 5.25
N PRO B 79 7.70 -4.79 4.03
CA PRO B 79 8.08 -3.79 3.01
C PRO B 79 7.69 -2.36 3.41
N LEU B 80 6.54 -2.18 4.05
CA LEU B 80 6.07 -0.83 4.48
C LEU B 80 7.02 -0.34 5.60
N ILE B 81 7.43 -1.24 6.51
CA ILE B 81 8.40 -0.88 7.57
C ILE B 81 9.71 -0.41 6.91
N LYS B 82 10.18 -1.15 5.94
CA LYS B 82 11.34 -0.75 5.10
C LYS B 82 11.15 0.69 4.62
N GLN B 83 9.97 0.98 4.03
CA GLN B 83 9.72 2.32 3.46
C GLN B 83 9.75 3.39 4.53
N LEU B 84 9.14 3.17 5.69
CA LEU B 84 9.06 4.19 6.77
C LEU B 84 10.45 4.41 7.39
N LEU B 85 11.26 3.37 7.57
CA LEU B 85 12.63 3.56 8.11
C LEU B 85 13.45 4.42 7.11
N ASP B 86 13.32 4.17 5.82
CA ASP B 86 14.16 4.89 4.81
C ASP B 86 13.77 6.36 4.73
N ILE B 87 12.50 6.73 4.99
CA ILE B 87 12.12 8.18 4.98
C ILE B 87 12.57 8.83 6.28
N GLY B 88 13.01 8.03 7.25
CA GLY B 88 13.78 8.52 8.41
C GLY B 88 13.04 8.41 9.72
N ALA B 89 11.89 7.72 9.75
CA ALA B 89 11.18 7.37 11.01
C ALA B 89 12.10 6.50 11.87
N GLN B 90 12.46 6.95 13.06
CA GLN B 90 13.42 6.16 13.90
C GLN B 90 12.71 5.33 14.95
N THR B 91 11.45 5.63 15.24
CA THR B 91 10.64 4.83 16.19
C THR B 91 9.35 4.39 15.49
N LEU B 92 9.04 3.11 15.58
CA LEU B 92 7.82 2.55 14.97
C LEU B 92 6.99 1.87 16.04
N LEU B 93 5.68 2.06 15.93
CA LEU B 93 4.66 1.40 16.77
C LEU B 93 3.87 0.45 15.88
N ILE B 94 4.11 -0.85 16.05
CA ILE B 94 3.51 -1.88 15.15
C ILE B 94 2.18 -2.30 15.74
N PRO B 95 1.05 -2.09 15.01
CA PRO B 95 -0.24 -2.54 15.48
C PRO B 95 -0.37 -4.06 15.44
N MET B 96 -1.24 -4.55 16.32
N MET B 96 -1.31 -4.52 16.26
CA MET B 96 -1.88 -5.88 16.19
CA MET B 96 -1.89 -5.90 16.30
C MET B 96 -0.82 -6.98 16.27
C MET B 96 -0.79 -6.95 16.27
N VAL B 97 0.14 -6.87 17.21
CA VAL B 97 1.17 -7.92 17.40
C VAL B 97 0.61 -8.94 18.39
N GLU B 98 0.71 -10.23 18.06
CA GLU B 98 -0.07 -11.30 18.69
C GLU B 98 0.78 -12.51 19.02
N SER B 99 2.09 -12.52 18.72
CA SER B 99 2.95 -13.69 18.99
C SER B 99 4.41 -13.23 19.04
N ALA B 100 5.24 -14.02 19.73
CA ALA B 100 6.71 -13.87 19.75
C ALA B 100 7.24 -13.95 18.33
N GLU B 101 6.72 -14.87 17.51
CA GLU B 101 7.20 -15.09 16.13
C GLU B 101 6.99 -13.79 15.34
N GLN B 102 5.83 -13.16 15.48
CA GLN B 102 5.51 -11.92 14.77
C GLN B 102 6.39 -10.80 15.31
N ALA B 103 6.59 -10.72 16.62
CA ALA B 103 7.45 -9.68 17.23
C ALA B 103 8.89 -9.86 16.75
N GLU B 104 9.42 -11.07 16.74
CA GLU B 104 10.77 -11.33 16.21
C GLU B 104 10.85 -10.87 14.75
N LEU B 105 9.85 -11.15 13.92
CA LEU B 105 9.88 -10.72 12.50
C LEU B 105 9.95 -9.17 12.43
N MET B 106 9.20 -8.47 13.28
CA MET B 106 9.21 -6.98 13.32
C MET B 106 10.60 -6.51 13.75
N VAL B 107 11.25 -7.22 14.67
CA VAL B 107 12.63 -6.84 15.09
C VAL B 107 13.54 -6.90 13.86
N LYS B 108 13.46 -7.99 13.11
CA LYS B 108 14.37 -8.23 11.95
C LYS B 108 14.05 -7.19 10.89
N ALA B 109 12.78 -6.83 10.76
CA ALA B 109 12.30 -5.92 9.70
C ALA B 109 13.00 -4.58 9.90
N THR B 110 13.44 -4.27 11.12
CA THR B 110 14.02 -2.97 11.48
C THR B 110 15.55 -3.00 11.48
N ARG B 111 16.17 -4.14 11.23
CA ARG B 111 17.63 -4.30 11.29
C ARG B 111 18.17 -4.78 9.96
N TYR B 112 19.32 -4.25 9.58
CA TYR B 112 19.98 -4.55 8.30
C TYR B 112 20.47 -6.00 8.30
N PRO B 113 20.59 -6.63 7.13
CA PRO B 113 21.27 -7.91 7.05
C PRO B 113 22.71 -7.67 7.46
N PRO B 114 23.42 -8.69 7.98
CA PRO B 114 22.91 -10.06 8.04
C PRO B 114 22.02 -10.39 9.25
N GLU B 115 22.00 -9.52 10.28
CA GLU B 115 21.19 -9.73 11.52
C GLU B 115 19.69 -9.66 11.20
N GLY B 116 19.28 -8.68 10.39
CA GLY B 116 17.85 -8.47 10.12
C GLY B 116 17.53 -8.58 8.65
N ILE B 117 16.38 -8.07 8.23
CA ILE B 117 15.91 -8.22 6.82
C ILE B 117 15.52 -6.85 6.23
N ARG B 118 15.91 -5.75 6.88
CA ARG B 118 15.68 -4.38 6.35
C ARG B 118 16.43 -4.23 5.01
N GLY B 119 15.68 -3.92 3.95
CA GLY B 119 16.27 -3.63 2.63
C GLY B 119 17.23 -2.46 2.69
N VAL B 120 18.38 -2.63 2.04
CA VAL B 120 19.50 -1.66 2.00
C VAL B 120 19.32 -0.70 0.81
N GLY B 121 19.23 0.59 1.09
CA GLY B 121 19.09 1.63 0.06
C GLY B 121 19.41 2.99 0.61
N ALA B 122 20.61 3.10 1.18
CA ALA B 122 21.09 4.28 1.92
C ALA B 122 21.35 5.46 0.99
N ALA B 123 21.92 5.27 -0.20
CA ALA B 123 22.10 6.37 -1.17
C ALA B 123 20.80 7.14 -1.35
N LEU B 124 19.63 6.50 -1.22
CA LEU B 124 18.34 7.12 -1.66
C LEU B 124 17.55 7.73 -0.50
N ALA B 125 17.95 7.48 0.73
CA ALA B 125 17.03 7.57 1.88
C ALA B 125 17.31 8.89 2.58
N ARG B 126 16.24 9.57 2.96
CA ARG B 126 16.37 10.63 3.97
C ARG B 126 17.00 10.05 5.24
N ALA B 127 16.75 8.78 5.58
CA ALA B 127 17.28 8.21 6.85
C ALA B 127 18.80 8.42 6.94
N SER B 128 19.52 8.26 5.84
CA SER B 128 20.99 8.41 5.78
C SER B 128 21.35 9.85 5.36
N ARG B 129 20.35 10.73 5.27
CA ARG B 129 20.43 12.01 4.52
C ARG B 129 21.25 11.80 3.23
N TRP B 130 20.86 10.84 2.43
CA TRP B 130 21.40 10.53 1.07
C TRP B 130 22.92 10.34 1.17
N ASN B 131 23.33 9.55 2.16
CA ASN B 131 24.74 9.20 2.52
C ASN B 131 25.54 10.39 3.03
N ASN B 132 24.89 11.50 3.39
CA ASN B 132 25.62 12.59 4.06
C ASN B 132 25.90 12.18 5.51
N ILE B 133 25.13 11.24 6.09
CA ILE B 133 25.50 10.48 7.32
C ILE B 133 26.43 9.33 6.86
N SER B 134 27.74 9.53 6.93
CA SER B 134 28.72 8.68 6.18
C SER B 134 28.77 7.25 6.74
N ASP B 135 28.45 7.05 8.02
CA ASP B 135 28.60 5.72 8.66
C ASP B 135 27.22 5.06 8.79
N TYR B 136 26.20 5.58 8.11
CA TYR B 136 24.77 5.22 8.36
C TYR B 136 24.59 3.69 8.44
N LEU B 137 25.12 2.94 7.49
CA LEU B 137 24.81 1.50 7.42
C LEU B 137 25.41 0.78 8.63
N GLN B 138 26.42 1.35 9.29
CA GLN B 138 27.06 0.75 10.48
C GLN B 138 26.32 1.18 11.77
N THR B 139 25.73 2.38 11.80
CA THR B 139 25.23 3.04 13.04
C THR B 139 23.70 3.08 13.10
N ALA B 140 22.99 2.65 12.07
CA ALA B 140 21.56 2.94 11.91
C ALA B 140 20.79 2.16 12.98
N ASP B 141 21.14 0.88 13.19
CA ASP B 141 20.32 -0.04 14.05
C ASP B 141 20.27 0.57 15.48
N GLU B 142 21.33 1.21 15.97
CA GLU B 142 21.43 1.66 17.39
C GLU B 142 20.35 2.71 17.69
N GLN B 143 19.98 3.54 16.72
CA GLN B 143 18.99 4.64 16.88
C GLN B 143 17.60 4.24 16.40
N ILE B 144 17.37 2.97 16.06
CA ILE B 144 16.00 2.48 15.74
C ILE B 144 15.35 1.94 17.03
N CYS B 145 14.09 2.32 17.25
CA CYS B 145 13.28 1.91 18.41
C CYS B 145 12.05 1.17 17.92
N LEU B 146 11.81 -0.05 18.42
CA LEU B 146 10.66 -0.87 17.98
C LEU B 146 9.67 -1.02 19.13
N LEU B 147 8.47 -0.49 18.94
CA LEU B 147 7.36 -0.68 19.90
C LEU B 147 6.34 -1.59 19.24
N VAL B 148 5.67 -2.45 20.00
CA VAL B 148 4.56 -3.26 19.46
C VAL B 148 3.30 -2.99 20.29
N GLN B 149 2.15 -3.11 19.65
CA GLN B 149 0.84 -2.96 20.30
C GLN B 149 0.28 -4.35 20.59
N VAL B 150 -0.17 -4.53 21.82
CA VAL B 150 -0.98 -5.70 22.23
C VAL B 150 -2.40 -5.18 22.38
N GLU B 151 -3.30 -5.70 21.54
CA GLU B 151 -4.66 -5.15 21.41
C GLU B 151 -5.71 -6.25 21.17
N SER B 152 -5.36 -7.51 21.33
CA SER B 152 -6.26 -8.67 21.12
C SER B 152 -6.12 -9.67 22.28
N LYS B 153 -7.10 -10.55 22.44
CA LYS B 153 -6.98 -11.65 23.44
C LYS B 153 -5.75 -12.48 23.10
N LYS B 154 -5.50 -12.75 21.81
CA LYS B 154 -4.35 -13.60 21.40
C LYS B 154 -3.05 -12.92 21.85
N GLY B 155 -2.92 -11.61 21.65
CA GLY B 155 -1.73 -10.89 22.13
C GLY B 155 -1.56 -11.08 23.62
N LEU B 156 -2.63 -10.86 24.40
CA LEU B 156 -2.57 -11.02 25.87
C LEU B 156 -2.21 -12.48 26.19
N ASP B 157 -2.64 -13.40 25.32
CA ASP B 157 -2.37 -14.85 25.53
C ASP B 157 -0.92 -15.14 25.23
N ASN B 158 -0.17 -14.19 24.65
CA ASN B 158 1.24 -14.40 24.22
C ASN B 158 2.14 -13.31 24.82
N LEU B 159 1.62 -12.59 25.80
CA LEU B 159 2.31 -11.42 26.38
C LEU B 159 3.70 -11.80 26.92
N ASP B 160 3.80 -12.84 27.74
CA ASP B 160 5.13 -13.20 28.34
C ASP B 160 6.11 -13.53 27.21
N GLU B 161 5.63 -14.21 26.17
CA GLU B 161 6.47 -14.61 25.01
C GLU B 161 6.90 -13.37 24.23
N ILE B 162 5.99 -12.43 24.00
CA ILE B 162 6.35 -11.16 23.30
C ILE B 162 7.36 -10.41 24.17
N LEU B 163 7.18 -10.44 25.49
CA LEU B 163 8.05 -9.65 26.38
C LEU B 163 9.45 -10.27 26.45
N ASN B 164 9.63 -11.52 26.07
CA ASN B 164 11.00 -12.11 26.08
C ASN B 164 11.69 -11.88 24.73
N VAL B 165 11.10 -11.11 23.80
CA VAL B 165 11.71 -10.92 22.46
C VAL B 165 12.76 -9.81 22.58
N ASP B 166 14.03 -10.13 22.35
CA ASP B 166 15.09 -9.09 22.34
C ASP B 166 14.85 -8.19 21.14
N GLY B 167 14.74 -6.91 21.41
CA GLY B 167 14.67 -5.91 20.35
C GLY B 167 13.30 -5.27 20.32
N VAL B 168 12.32 -5.85 21.01
CA VAL B 168 11.06 -5.12 21.35
C VAL B 168 11.40 -4.16 22.50
N ASP B 169 11.42 -2.85 22.27
CA ASP B 169 11.83 -1.88 23.33
C ASP B 169 10.62 -1.55 24.21
N GLY B 170 9.41 -1.76 23.71
CA GLY B 170 8.20 -1.24 24.37
C GLY B 170 6.97 -1.97 23.89
N ILE B 171 6.03 -2.13 24.79
CA ILE B 171 4.68 -2.62 24.44
C ILE B 171 3.72 -1.50 24.80
N PHE B 172 2.94 -1.10 23.82
CA PHE B 172 1.88 -0.09 23.94
C PHE B 172 0.55 -0.83 23.98
N ILE B 173 -0.32 -0.40 24.89
CA ILE B 173 -1.69 -0.93 25.05
C ILE B 173 -2.65 0.16 24.59
N GLY B 174 -3.44 -0.11 23.57
CA GLY B 174 -4.47 0.84 23.13
C GLY B 174 -5.82 0.39 23.67
N PRO B 175 -6.40 1.11 24.64
CA PRO B 175 -7.62 0.67 25.28
C PRO B 175 -8.79 0.46 24.28
N ALA B 176 -8.84 1.21 23.18
CA ALA B 176 -9.93 1.11 22.19
C ALA B 176 -9.99 -0.31 21.64
N ASP B 177 -8.92 -0.80 20.99
CA ASP B 177 -8.99 -2.15 20.39
C ASP B 177 -9.13 -3.17 21.53
N LEU B 178 -8.54 -2.91 22.70
CA LEU B 178 -8.45 -3.97 23.76
C LEU B 178 -9.83 -4.11 24.44
N SER B 179 -10.43 -3.00 24.84
CA SER B 179 -11.81 -2.94 25.34
C SER B 179 -12.72 -3.65 24.33
N ALA B 180 -12.58 -3.36 23.03
CA ALA B 180 -13.45 -3.98 21.99
C ALA B 180 -13.20 -5.48 21.98
N ALA B 181 -11.93 -5.88 21.96
CA ALA B 181 -11.57 -7.32 21.93
C ALA B 181 -12.17 -8.03 23.13
N LEU B 182 -12.27 -7.35 24.28
CA LEU B 182 -12.75 -7.95 25.55
C LEU B 182 -14.29 -7.92 25.63
N GLY B 183 -14.98 -7.38 24.62
CA GLY B 183 -16.45 -7.35 24.57
C GLY B 183 -17.02 -6.13 25.25
N TYR B 184 -16.22 -5.08 25.45
CA TYR B 184 -16.66 -3.78 26.02
C TYR B 184 -16.37 -2.65 25.02
N ARG B 185 -16.72 -2.86 23.75
CA ARG B 185 -16.39 -1.90 22.68
C ARG B 185 -16.87 -0.48 23.06
N GLY B 186 -15.96 0.49 23.07
CA GLY B 186 -16.26 1.90 23.32
C GLY B 186 -16.48 2.19 24.81
N ASN B 187 -16.15 1.25 25.68
CA ASN B 187 -16.20 1.47 27.16
C ASN B 187 -14.96 0.88 27.83
N PRO B 188 -13.75 1.38 27.49
CA PRO B 188 -12.53 0.93 28.13
C PRO B 188 -12.48 1.20 29.66
N GLY B 189 -13.35 2.09 30.14
CA GLY B 189 -13.50 2.54 31.54
C GLY B 189 -13.90 1.42 32.50
N HIS B 190 -14.47 0.32 32.02
CA HIS B 190 -14.94 -0.83 32.85
C HIS B 190 -13.79 -1.44 33.64
N GLU B 191 -14.07 -1.71 34.91
CA GLU B 191 -13.16 -2.33 35.89
C GLU B 191 -12.55 -3.62 35.31
N PHE B 192 -13.33 -4.45 34.63
CA PHE B 192 -12.78 -5.70 34.04
C PHE B 192 -11.61 -5.36 33.11
N VAL B 193 -11.83 -4.33 32.28
CA VAL B 193 -10.82 -3.89 31.27
C VAL B 193 -9.62 -3.23 31.97
N GLN B 194 -9.86 -2.30 32.88
CA GLN B 194 -8.80 -1.56 33.60
C GLN B 194 -7.90 -2.50 34.39
N ASN B 195 -8.48 -3.51 35.07
CA ASN B 195 -7.63 -4.47 35.85
C ASN B 195 -6.69 -5.15 34.86
N ILE B 196 -7.20 -5.52 33.70
CA ILE B 196 -6.33 -6.18 32.67
C ILE B 196 -5.25 -5.19 32.24
N ILE B 197 -5.61 -3.93 32.03
CA ILE B 197 -4.59 -2.94 31.55
C ILE B 197 -3.49 -2.79 32.60
N VAL B 198 -3.86 -2.65 33.88
CA VAL B 198 -2.90 -2.40 35.00
C VAL B 198 -1.93 -3.60 35.12
N GLN B 199 -2.49 -4.80 35.10
CA GLN B 199 -1.73 -6.07 35.20
C GLN B 199 -0.73 -6.14 34.04
N THR B 200 -1.19 -5.81 32.83
CA THR B 200 -0.38 -5.82 31.58
C THR B 200 0.76 -4.84 31.74
N ILE B 201 0.47 -3.60 32.15
CA ILE B 201 1.55 -2.59 32.36
C ILE B 201 2.58 -3.19 33.36
N GLN B 202 2.11 -3.77 34.47
CA GLN B 202 3.00 -4.34 35.51
C GLN B 202 3.89 -5.44 34.91
N LYS B 203 3.35 -6.31 34.08
CA LYS B 203 4.10 -7.43 33.47
C LYS B 203 5.14 -6.85 32.51
N ILE B 204 4.75 -5.86 31.71
CA ILE B 204 5.65 -5.22 30.73
C ILE B 204 6.87 -4.65 31.47
N ARG B 205 6.65 -3.83 32.48
CA ARG B 205 7.77 -3.20 33.24
C ARG B 205 8.57 -4.26 34.00
N ALA B 206 7.93 -5.29 34.55
CA ALA B 206 8.61 -6.40 35.24
C ALA B 206 9.64 -7.07 34.31
N ALA B 207 9.35 -7.18 33.00
CA ALA B 207 10.23 -7.81 31.99
C ALA B 207 11.29 -6.82 31.45
N GLY B 208 11.38 -5.61 32.00
CA GLY B 208 12.40 -4.61 31.66
C GLY B 208 12.10 -3.92 30.32
N LYS B 209 10.86 -3.95 29.86
CA LYS B 209 10.46 -3.23 28.63
C LYS B 209 9.71 -1.97 29.03
N ALA B 210 9.63 -1.00 28.13
CA ALA B 210 8.83 0.22 28.33
C ALA B 210 7.35 -0.09 28.12
N ALA B 211 6.49 0.42 28.98
CA ALA B 211 5.02 0.34 28.84
C ALA B 211 4.55 1.64 28.22
N GLY B 212 3.52 1.55 27.38
CA GLY B 212 2.89 2.72 26.74
C GLY B 212 1.39 2.58 26.66
N ILE B 213 0.73 3.70 26.53
CA ILE B 213 -0.75 3.75 26.52
C ILE B 213 -1.19 5.13 26.02
N LEU B 214 -2.41 5.20 25.54
CA LEU B 214 -3.11 6.45 25.18
C LEU B 214 -4.35 6.58 26.07
N SER B 215 -4.54 7.71 26.71
CA SER B 215 -5.86 8.06 27.27
C SER B 215 -6.06 9.55 27.28
N ALA B 216 -7.19 9.97 26.72
CA ALA B 216 -7.65 11.36 26.67
C ALA B 216 -8.29 11.71 28.01
N ASP B 217 -8.60 10.71 28.83
CA ASP B 217 -9.07 10.91 30.23
C ASP B 217 -7.87 11.30 31.12
N GLU B 218 -7.85 12.53 31.62
CA GLU B 218 -6.74 13.06 32.46
C GLU B 218 -6.52 12.15 33.68
N LYS B 219 -7.59 11.75 34.36
CA LYS B 219 -7.45 10.88 35.56
C LYS B 219 -6.76 9.57 35.17
N LEU B 220 -7.20 8.89 34.10
CA LEU B 220 -6.63 7.58 33.73
C LEU B 220 -5.19 7.79 33.31
N ALA B 221 -4.92 8.89 32.63
CA ALA B 221 -3.58 9.20 32.13
C ALA B 221 -2.69 9.37 33.36
N LYS B 222 -3.08 10.19 34.33
CA LYS B 222 -2.25 10.41 35.55
C LYS B 222 -2.11 9.11 36.36
N GLN B 223 -3.15 8.28 36.43
CA GLN B 223 -3.04 6.95 37.07
C GLN B 223 -1.94 6.15 36.38
N TYR B 224 -1.95 6.08 35.04
CA TYR B 224 -0.96 5.24 34.30
C TYR B 224 0.44 5.80 34.53
N LEU B 225 0.59 7.13 34.59
CA LEU B 225 1.89 7.75 34.96
C LEU B 225 2.29 7.37 36.39
N GLU B 226 1.36 7.27 37.34
CA GLU B 226 1.71 6.87 38.74
C GLU B 226 2.22 5.43 38.75
N LEU B 227 1.76 4.57 37.83
CA LEU B 227 2.26 3.17 37.73
C LEU B 227 3.66 3.11 37.15
N GLY B 228 4.22 4.21 36.59
CA GLY B 228 5.56 4.29 36.01
C GLY B 228 5.54 4.05 34.49
N THR B 229 4.36 4.06 33.88
CA THR B 229 4.23 3.86 32.41
C THR B 229 5.16 4.84 31.70
N GLU B 230 6.03 4.35 30.80
CA GLU B 230 7.17 5.15 30.25
C GLU B 230 6.74 6.10 29.12
N PHE B 231 5.74 5.74 28.31
CA PHE B 231 5.29 6.64 27.20
C PHE B 231 3.76 6.68 27.21
N VAL B 232 3.25 7.86 27.52
CA VAL B 232 1.81 8.06 27.70
C VAL B 232 1.38 9.19 26.78
N ALA B 233 0.52 8.86 25.82
CA ALA B 233 -0.14 9.85 24.96
C ALA B 233 -1.37 10.32 25.73
N VAL B 234 -1.61 11.63 25.74
CA VAL B 234 -2.63 12.22 26.64
C VAL B 234 -3.76 12.87 25.84
N GLY B 235 -3.68 12.84 24.51
CA GLY B 235 -4.75 13.38 23.63
C GLY B 235 -4.47 13.14 22.17
N VAL B 236 -5.39 13.58 21.33
CA VAL B 236 -5.42 13.28 19.87
C VAL B 236 -5.73 14.61 19.18
N ASP B 237 -4.99 15.02 18.16
CA ASP B 237 -5.22 16.34 17.51
C ASP B 237 -6.66 16.43 16.96
N THR B 238 -7.15 15.44 16.24
CA THR B 238 -8.51 15.48 15.69
C THR B 238 -9.50 15.74 16.81
N SER B 239 -9.36 15.02 17.95
CA SER B 239 -10.33 15.16 19.06
C SER B 239 -10.25 16.57 19.66
N LEU B 240 -9.05 17.07 19.92
CA LEU B 240 -8.90 18.42 20.51
C LEU B 240 -9.43 19.49 19.55
N LEU B 241 -9.21 19.33 18.25
CA LEU B 241 -9.79 20.31 17.30
C LEU B 241 -11.32 20.25 17.37
N MET B 242 -11.93 19.08 17.26
CA MET B 242 -13.40 18.98 17.20
C MET B 242 -13.97 19.53 18.53
N LYS B 243 -13.46 19.04 19.64
CA LYS B 243 -14.03 19.37 20.97
C LYS B 243 -13.86 20.87 21.22
N SER B 244 -12.69 21.47 20.92
CA SER B 244 -12.44 22.90 21.15
C SER B 244 -13.45 23.70 20.31
N MET B 245 -13.75 23.27 19.09
CA MET B 245 -14.68 24.02 18.21
C MET B 245 -16.10 23.83 18.73
N LYS B 246 -16.44 22.65 19.26
CA LYS B 246 -17.81 22.38 19.80
C LYS B 246 -18.03 23.18 21.09
N GLN B 247 -17.07 23.16 22.01
CA GLN B 247 -17.16 23.90 23.31
C GLN B 247 -17.38 25.37 22.99
N LEU B 248 -16.59 25.95 22.07
CA LEU B 248 -16.69 27.38 21.72
C LEU B 248 -18.10 27.67 21.18
N LEU B 249 -18.62 26.85 20.24
CA LEU B 249 -19.92 27.16 19.61
C LEU B 249 -21.02 27.16 20.69
N SER B 250 -20.96 26.19 21.62
CA SER B 250 -21.95 26.01 22.71
C SER B 250 -22.10 27.28 23.57
N LYS B 251 -21.10 28.15 23.64
CA LYS B 251 -21.15 29.43 24.40
C LYS B 251 -22.04 30.44 23.68
N PHE B 252 -22.40 30.19 22.42
CA PHE B 252 -23.19 31.10 21.59
C PHE B 252 -24.43 30.45 20.98
N LYS B 253 -24.56 29.11 21.10
CA LYS B 253 -25.32 28.13 20.25
C LYS B 253 -25.72 28.75 18.90
N MET C 1 -24.94 13.59 16.28
CA MET C 1 -25.21 13.17 14.88
C MET C 1 -25.52 11.67 14.84
N VAL C 2 -26.50 11.24 14.03
CA VAL C 2 -26.76 9.79 13.76
C VAL C 2 -25.82 9.36 12.63
N ASN C 3 -25.43 8.08 12.59
CA ASN C 3 -24.52 7.53 11.53
C ASN C 3 -25.20 7.73 10.17
N THR C 4 -24.42 8.02 9.12
CA THR C 4 -24.90 8.16 7.72
C THR C 4 -25.66 6.88 7.31
N VAL C 5 -26.90 6.99 6.83
CA VAL C 5 -27.68 5.77 6.48
C VAL C 5 -27.09 5.28 5.17
N ASN C 6 -26.83 3.98 5.07
CA ASN C 6 -26.39 3.39 3.80
C ASN C 6 -27.64 3.03 2.98
N TYR C 7 -28.05 3.95 2.10
CA TYR C 7 -29.24 3.81 1.22
C TYR C 7 -28.96 2.74 0.16
N PHE C 8 -27.71 2.64 -0.31
CA PHE C 8 -27.32 1.59 -1.27
C PHE C 8 -27.66 0.24 -0.68
N LYS C 9 -27.24 0.02 0.55
CA LYS C 9 -27.47 -1.25 1.27
C LYS C 9 -28.98 -1.53 1.36
N GLN C 10 -29.79 -0.55 1.73
CA GLN C 10 -31.26 -0.73 1.89
C GLN C 10 -31.89 -1.05 0.54
N LYS C 11 -31.42 -0.37 -0.49
CA LYS C 11 -32.03 -0.44 -1.83
C LYS C 11 -31.71 -1.77 -2.51
N LEU C 12 -30.73 -2.50 -2.01
CA LEU C 12 -30.38 -3.84 -2.53
C LEU C 12 -31.61 -4.75 -2.45
N LYS C 13 -32.56 -4.47 -1.54
CA LYS C 13 -33.76 -5.33 -1.34
C LYS C 13 -35.02 -4.68 -1.91
N THR C 14 -35.00 -3.43 -2.37
CA THR C 14 -36.23 -2.69 -2.73
C THR C 14 -36.21 -2.15 -4.15
N GLU C 15 -35.07 -2.11 -4.84
CA GLU C 15 -35.04 -1.54 -6.20
C GLU C 15 -33.79 -1.98 -6.94
N GLN C 16 -33.69 -1.57 -8.20
CA GLN C 16 -32.53 -1.87 -9.04
C GLN C 16 -31.75 -0.57 -9.18
N GLN C 17 -30.48 -0.55 -8.77
CA GLN C 17 -29.70 0.71 -8.66
C GLN C 17 -28.77 0.84 -9.86
N ILE C 18 -28.81 1.99 -10.52
CA ILE C 18 -27.96 2.27 -11.72
C ILE C 18 -26.66 2.94 -11.26
N GLY C 19 -25.53 2.43 -11.74
CA GLY C 19 -24.18 2.79 -11.29
C GLY C 19 -23.33 3.36 -12.40
N MET C 20 -22.39 4.24 -12.01
CA MET C 20 -21.34 4.77 -12.90
C MET C 20 -19.99 4.42 -12.26
N TRP C 21 -19.06 3.91 -13.06
CA TRP C 21 -17.66 3.61 -12.67
C TRP C 21 -16.88 4.94 -12.67
N VAL C 22 -16.21 5.21 -11.57
CA VAL C 22 -15.39 6.42 -11.37
C VAL C 22 -13.92 6.00 -11.32
N GLY C 23 -13.22 6.16 -12.42
CA GLY C 23 -11.79 5.86 -12.52
C GLY C 23 -10.97 7.06 -12.90
N LEU C 24 -11.55 8.25 -12.89
CA LEU C 24 -10.74 9.46 -13.18
C LEU C 24 -9.90 9.88 -11.98
N ALA C 25 -10.11 9.30 -10.78
CA ALA C 25 -9.15 9.26 -9.65
C ALA C 25 -8.91 10.66 -9.09
N ASP C 26 -9.98 11.44 -8.97
CA ASP C 26 -9.76 12.86 -8.72
C ASP C 26 -11.06 13.42 -8.10
N GLY C 27 -10.96 14.17 -7.01
CA GLY C 27 -12.12 14.77 -6.31
C GLY C 27 -12.99 15.64 -7.23
N TYR C 28 -12.38 16.38 -8.14
CA TYR C 28 -13.09 17.28 -9.07
C TYR C 28 -13.91 16.46 -10.08
N CYS C 29 -13.31 15.43 -10.68
CA CYS C 29 -14.06 14.51 -11.59
C CYS C 29 -15.15 13.73 -10.86
N ALA C 30 -14.89 13.28 -9.63
CA ALA C 30 -15.89 12.52 -8.86
C ALA C 30 -17.12 13.43 -8.59
N GLU C 31 -16.90 14.71 -8.31
CA GLU C 31 -18.03 15.66 -8.12
C GLU C 31 -18.84 15.81 -9.43
N ILE C 32 -18.23 15.87 -10.60
CA ILE C 32 -18.98 16.00 -11.85
C ILE C 32 -19.93 14.80 -11.99
N ALA C 33 -19.41 13.61 -11.72
CA ALA C 33 -20.17 12.35 -11.81
C ALA C 33 -21.28 12.39 -10.77
N ALA C 34 -20.99 12.93 -9.60
CA ALA C 34 -21.95 12.98 -8.47
C ALA C 34 -23.15 13.84 -8.85
N ASN C 35 -23.02 14.81 -9.76
CA ASN C 35 -24.15 15.71 -10.15
C ASN C 35 -25.16 15.02 -11.06
N VAL C 36 -24.87 13.87 -11.64
CA VAL C 36 -25.66 13.34 -12.79
C VAL C 36 -26.95 12.69 -12.26
N GLY C 37 -26.86 11.98 -11.14
CA GLY C 37 -28.04 11.33 -10.54
C GLY C 37 -27.94 9.81 -10.54
N TYR C 38 -26.76 9.23 -10.79
CA TYR C 38 -26.59 7.77 -10.62
C TYR C 38 -26.97 7.37 -9.20
N ASP C 39 -27.55 6.20 -9.03
CA ASP C 39 -27.86 5.59 -7.71
C ASP C 39 -26.57 5.33 -6.92
N TRP C 40 -25.53 4.86 -7.61
CA TRP C 40 -24.23 4.56 -6.99
C TRP C 40 -23.07 4.94 -7.91
N LEU C 41 -21.92 5.26 -7.30
CA LEU C 41 -20.66 5.58 -7.99
C LEU C 41 -19.62 4.61 -7.45
N LEU C 42 -18.92 3.94 -8.32
CA LEU C 42 -17.88 2.96 -7.92
C LEU C 42 -16.53 3.67 -7.99
N ILE C 43 -15.97 3.99 -6.83
CA ILE C 43 -14.63 4.63 -6.78
C ILE C 43 -13.64 3.48 -6.90
N ASP C 44 -12.91 3.40 -8.03
CA ASP C 44 -12.15 2.17 -8.35
C ASP C 44 -10.71 2.28 -7.81
N GLY C 45 -10.41 1.55 -6.73
CA GLY C 45 -9.08 1.51 -6.10
C GLY C 45 -8.27 0.36 -6.63
N GLU C 46 -8.82 -0.42 -7.55
CA GLU C 46 -8.13 -1.59 -8.14
C GLU C 46 -7.56 -1.24 -9.52
N HIS C 47 -8.31 -0.55 -10.38
CA HIS C 47 -7.93 -0.39 -11.80
C HIS C 47 -7.75 1.08 -12.15
N ALA C 48 -7.95 2.00 -11.23
CA ALA C 48 -7.65 3.43 -11.45
C ALA C 48 -6.56 3.82 -10.46
N PRO C 49 -5.74 4.87 -10.77
CA PRO C 49 -4.58 5.22 -9.94
C PRO C 49 -5.02 5.97 -8.67
N ASN C 50 -5.63 5.22 -7.76
CA ASN C 50 -6.18 5.77 -6.49
C ASN C 50 -5.40 5.20 -5.31
N ASP C 51 -5.32 5.95 -4.21
CA ASP C 51 -4.81 5.49 -2.89
C ASP C 51 -5.85 5.92 -1.88
N VAL C 52 -5.64 5.62 -0.62
CA VAL C 52 -6.55 6.05 0.49
C VAL C 52 -6.82 7.55 0.39
N ARG C 53 -5.79 8.34 0.19
CA ARG C 53 -6.01 9.82 0.25
C ARG C 53 -6.82 10.31 -0.95
N SER C 54 -6.59 9.81 -2.16
CA SER C 54 -7.39 10.25 -3.33
C SER C 54 -8.83 9.72 -3.20
N ILE C 55 -9.03 8.56 -2.57
CA ILE C 55 -10.40 8.00 -2.39
C ILE C 55 -11.15 8.88 -1.37
N LEU C 56 -10.46 9.30 -0.29
CA LEU C 56 -11.06 10.21 0.70
C LEU C 56 -11.52 11.49 0.01
N ALA C 57 -10.70 12.06 -0.84
CA ALA C 57 -11.08 13.32 -1.51
C ALA C 57 -12.36 13.10 -2.33
N GLN C 58 -12.48 11.96 -3.01
CA GLN C 58 -13.66 11.63 -3.85
C GLN C 58 -14.87 11.40 -2.96
N LEU C 59 -14.73 10.74 -1.80
CA LEU C 59 -15.86 10.56 -0.85
C LEU C 59 -16.36 11.93 -0.38
N GLN C 60 -15.45 12.88 -0.11
CA GLN C 60 -15.81 14.22 0.37
C GLN C 60 -16.61 14.97 -0.74
N SER C 61 -16.19 14.85 -1.98
CA SER C 61 -16.85 15.50 -3.14
C SER C 61 -18.29 15.01 -3.24
N ILE C 62 -18.39 13.70 -3.31
CA ILE C 62 -19.66 12.95 -3.57
C ILE C 62 -20.65 13.15 -2.39
N ALA C 63 -20.17 13.30 -1.16
CA ALA C 63 -20.99 13.35 0.09
C ALA C 63 -22.09 14.41 0.04
N ALA C 64 -21.93 15.50 -0.72
CA ALA C 64 -22.94 16.57 -0.83
C ALA C 64 -24.11 16.11 -1.70
N TYR C 65 -24.06 14.93 -2.31
CA TYR C 65 -24.98 14.56 -3.41
C TYR C 65 -25.65 13.26 -3.02
N PRO C 66 -26.87 12.98 -3.54
CA PRO C 66 -27.54 11.74 -3.16
C PRO C 66 -26.83 10.44 -3.59
N SER C 67 -26.01 10.46 -4.63
CA SER C 67 -25.34 9.24 -5.18
C SER C 67 -24.57 8.54 -4.07
N GLN C 68 -24.78 7.25 -3.90
CA GLN C 68 -24.09 6.45 -2.84
C GLN C 68 -22.72 6.00 -3.36
N ALA C 69 -21.67 6.12 -2.56
CA ALA C 69 -20.30 5.71 -2.92
C ALA C 69 -20.11 4.25 -2.55
N VAL C 70 -19.56 3.50 -3.50
CA VAL C 70 -19.02 2.13 -3.32
C VAL C 70 -17.54 2.20 -3.67
N VAL C 71 -16.68 1.63 -2.83
CA VAL C 71 -15.22 1.65 -3.06
C VAL C 71 -14.76 0.22 -3.36
N ARG C 72 -14.02 0.05 -4.45
CA ARG C 72 -13.30 -1.20 -4.74
C ARG C 72 -11.84 -1.04 -4.34
N PRO C 73 -11.42 -1.67 -3.24
CA PRO C 73 -10.00 -1.74 -2.89
C PRO C 73 -9.22 -2.59 -3.91
N VAL C 74 -7.90 -2.39 -3.96
CA VAL C 74 -7.04 -3.14 -4.92
C VAL C 74 -7.16 -4.66 -4.71
N SER C 75 -7.36 -5.12 -3.48
CA SER C 75 -7.45 -6.55 -3.13
C SER C 75 -8.11 -6.69 -1.76
N GLY C 76 -8.42 -7.91 -1.36
CA GLY C 76 -9.11 -8.15 -0.09
C GLY C 76 -8.09 -8.13 1.02
N ASP C 77 -7.41 -7.01 1.15
CA ASP C 77 -6.34 -6.76 2.13
C ASP C 77 -7.04 -6.25 3.38
N VAL C 78 -6.91 -6.96 4.51
CA VAL C 78 -7.62 -6.58 5.77
C VAL C 78 -7.21 -5.17 6.25
N PRO C 79 -5.91 -4.82 6.34
CA PRO C 79 -5.52 -3.47 6.77
C PRO C 79 -6.05 -2.38 5.83
N LEU C 80 -6.08 -2.61 4.51
CA LEU C 80 -6.55 -1.58 3.53
C LEU C 80 -8.06 -1.40 3.75
N ILE C 81 -8.78 -2.50 3.97
CA ILE C 81 -10.25 -2.45 4.25
C ILE C 81 -10.48 -1.60 5.49
N LYS C 82 -9.70 -1.84 6.54
CA LYS C 82 -9.70 -1.00 7.77
C LYS C 82 -9.54 0.48 7.39
N GLN C 83 -8.55 0.80 6.57
CA GLN C 83 -8.31 2.21 6.16
C GLN C 83 -9.52 2.81 5.45
N LEU C 84 -10.10 2.09 4.51
CA LEU C 84 -11.19 2.59 3.64
C LEU C 84 -12.47 2.76 4.46
N LEU C 85 -12.74 1.86 5.41
CA LEU C 85 -13.91 2.04 6.31
C LEU C 85 -13.72 3.28 7.21
N ASP C 86 -12.52 3.49 7.73
CA ASP C 86 -12.27 4.64 8.62
C ASP C 86 -12.38 5.98 7.89
N ILE C 87 -12.08 6.05 6.59
CA ILE C 87 -12.27 7.33 5.84
C ILE C 87 -13.75 7.49 5.51
N GLY C 88 -14.56 6.46 5.72
CA GLY C 88 -16.02 6.61 5.68
C GLY C 88 -16.70 5.90 4.51
N ALA C 89 -16.00 5.07 3.77
CA ALA C 89 -16.57 4.20 2.72
C ALA C 89 -17.50 3.20 3.41
N GLN C 90 -18.78 3.23 3.10
CA GLN C 90 -19.75 2.35 3.82
C GLN C 90 -20.07 1.13 3.00
N THR C 91 -19.74 1.11 1.70
CA THR C 91 -19.96 -0.06 0.83
C THR C 91 -18.64 -0.40 0.14
N LEU C 92 -18.18 -1.64 0.28
CA LEU C 92 -16.94 -2.11 -0.36
C LEU C 92 -17.25 -3.23 -1.34
N LEU C 93 -16.57 -3.20 -2.48
CA LEU C 93 -16.60 -4.25 -3.48
C LEU C 93 -15.22 -4.90 -3.49
N ILE C 94 -15.14 -6.14 -3.01
CA ILE C 94 -13.82 -6.83 -2.87
C ILE C 94 -13.55 -7.60 -4.15
N PRO C 95 -12.42 -7.31 -4.85
CA PRO C 95 -12.07 -8.07 -6.02
C PRO C 95 -11.54 -9.46 -5.65
N MET C 96 -11.72 -10.37 -6.60
N MET C 96 -11.62 -10.35 -6.66
CA MET C 96 -10.95 -11.63 -6.73
CA MET C 96 -11.00 -11.70 -6.77
C MET C 96 -11.26 -12.53 -5.53
C MET C 96 -11.26 -12.50 -5.50
N VAL C 97 -12.53 -12.65 -5.14
CA VAL C 97 -12.96 -13.49 -4.00
C VAL C 97 -13.25 -14.89 -4.56
N GLU C 98 -12.65 -15.91 -3.96
CA GLU C 98 -12.55 -17.25 -4.60
C GLU C 98 -12.93 -18.37 -3.65
N SER C 99 -13.27 -18.09 -2.38
CA SER C 99 -13.66 -19.14 -1.42
C SER C 99 -14.57 -18.54 -0.35
N ALA C 100 -15.31 -19.42 0.31
CA ALA C 100 -16.13 -19.09 1.50
C ALA C 100 -15.18 -18.58 2.57
N GLU C 101 -13.99 -19.18 2.68
CA GLU C 101 -13.01 -18.87 3.76
C GLU C 101 -12.56 -17.41 3.55
N GLN C 102 -12.37 -17.04 2.30
CA GLN C 102 -11.94 -15.67 1.98
C GLN C 102 -13.14 -14.74 2.18
N ALA C 103 -14.34 -15.09 1.72
CA ALA C 103 -15.52 -14.23 1.94
C ALA C 103 -15.70 -13.99 3.45
N GLU C 104 -15.57 -15.02 4.29
CA GLU C 104 -15.84 -14.87 5.75
C GLU C 104 -14.82 -13.91 6.34
N LEU C 105 -13.57 -13.96 5.89
CA LEU C 105 -12.51 -13.08 6.40
C LEU C 105 -12.85 -11.62 6.04
N MET C 106 -13.42 -11.37 4.85
CA MET C 106 -13.80 -10.03 4.35
C MET C 106 -14.97 -9.54 5.22
N VAL C 107 -15.90 -10.43 5.58
CA VAL C 107 -17.01 -10.08 6.51
C VAL C 107 -16.43 -9.59 7.83
N LYS C 108 -15.48 -10.33 8.38
CA LYS C 108 -14.90 -10.01 9.70
C LYS C 108 -14.12 -8.70 9.57
N ALA C 109 -13.49 -8.48 8.42
CA ALA C 109 -12.63 -7.30 8.18
C ALA C 109 -13.51 -6.05 8.29
N THR C 110 -14.82 -6.19 8.07
CA THR C 110 -15.75 -5.04 8.04
C THR C 110 -16.53 -4.88 9.34
N ARG C 111 -16.28 -5.73 10.34
CA ARG C 111 -17.05 -5.72 11.61
C ARG C 111 -16.11 -5.55 12.79
N TYR C 112 -16.49 -4.73 13.76
CA TYR C 112 -15.64 -4.49 14.96
C TYR C 112 -15.49 -5.76 15.82
N PRO C 113 -14.40 -5.91 16.60
CA PRO C 113 -14.34 -7.00 17.57
C PRO C 113 -15.46 -6.76 18.57
N PRO C 114 -15.97 -7.80 19.26
CA PRO C 114 -15.38 -9.15 19.22
C PRO C 114 -15.85 -10.01 18.04
N GLU C 115 -16.96 -9.62 17.38
CA GLU C 115 -17.55 -10.37 16.23
C GLU C 115 -16.64 -10.32 14.99
N GLY C 116 -15.94 -9.20 14.75
CA GLY C 116 -15.08 -9.06 13.56
C GLY C 116 -13.66 -8.67 13.93
N ILE C 117 -12.87 -8.22 12.95
CA ILE C 117 -11.42 -7.89 13.17
C ILE C 117 -11.10 -6.48 12.66
N ARG C 118 -12.12 -5.67 12.38
CA ARG C 118 -11.93 -4.24 12.03
C ARG C 118 -11.23 -3.51 13.18
N GLY C 119 -10.04 -2.94 12.92
CA GLY C 119 -9.33 -2.15 13.94
C GLY C 119 -10.17 -0.96 14.39
N VAL C 120 -10.12 -0.66 15.69
CA VAL C 120 -10.91 0.42 16.35
C VAL C 120 -10.05 1.68 16.40
N GLY C 121 -10.57 2.76 15.85
CA GLY C 121 -9.90 4.07 15.81
C GLY C 121 -10.84 5.19 15.47
N ALA C 122 -11.98 5.24 16.15
CA ALA C 122 -13.15 6.12 15.88
C ALA C 122 -12.83 7.59 16.19
N ALA C 123 -12.01 7.88 17.20
CA ALA C 123 -11.68 9.28 17.51
C ALA C 123 -11.09 9.95 16.27
N LEU C 124 -10.41 9.17 15.43
CA LEU C 124 -9.52 9.71 14.36
C LEU C 124 -10.26 9.75 13.03
N ALA C 125 -11.40 9.09 12.91
CA ALA C 125 -11.90 8.69 11.59
C ALA C 125 -13.01 9.62 11.14
N ARG C 126 -13.03 9.90 9.84
CA ARG C 126 -14.19 10.55 9.20
C ARG C 126 -15.41 9.65 9.38
N ALA C 127 -15.24 8.34 9.45
CA ALA C 127 -16.37 7.39 9.54
C ALA C 127 -17.27 7.73 10.73
N SER C 128 -16.70 8.14 11.85
CA SER C 128 -17.43 8.52 13.08
C SER C 128 -17.64 10.03 13.13
N ARG C 129 -17.21 10.72 12.07
CA ARG C 129 -17.01 12.17 12.05
C ARG C 129 -16.30 12.58 13.34
N TRP C 130 -15.20 11.91 13.66
CA TRP C 130 -14.26 12.22 14.78
C TRP C 130 -15.07 12.22 16.08
N ASN C 131 -15.90 11.20 16.25
CA ASN C 131 -16.78 10.95 17.44
C ASN C 131 -17.96 11.92 17.51
N ASN C 132 -18.18 12.75 16.52
CA ASN C 132 -19.40 13.59 16.48
C ASN C 132 -20.62 12.69 16.24
N ILE C 133 -20.42 11.50 15.67
CA ILE C 133 -21.44 10.40 15.68
C ILE C 133 -21.19 9.63 16.98
N SER C 134 -21.94 9.95 18.04
CA SER C 134 -21.59 9.63 19.45
C SER C 134 -21.67 8.13 19.72
N ASP C 135 -22.47 7.39 18.95
CA ASP C 135 -22.73 5.94 19.22
C ASP C 135 -22.09 5.11 18.10
N TYR C 136 -21.14 5.69 17.36
CA TYR C 136 -20.59 5.06 16.13
C TYR C 136 -20.15 3.61 16.38
N LEU C 137 -19.39 3.35 17.44
CA LEU C 137 -18.85 1.98 17.67
C LEU C 137 -19.99 1.00 17.91
N GLN C 138 -21.16 1.45 18.32
CA GLN C 138 -22.37 0.56 18.52
C GLN C 138 -23.16 0.40 17.21
N THR C 139 -23.18 1.40 16.32
CA THR C 139 -24.09 1.48 15.14
C THR C 139 -23.37 1.27 13.80
N ALA C 140 -22.04 1.23 13.77
CA ALA C 140 -21.27 1.26 12.52
C ALA C 140 -21.67 0.06 11.65
N ASP C 141 -21.68 -1.15 12.24
CA ASP C 141 -21.79 -2.41 11.45
C ASP C 141 -23.12 -2.41 10.67
N GLU C 142 -24.21 -1.87 11.23
CA GLU C 142 -25.55 -1.91 10.59
C GLU C 142 -25.48 -1.23 9.21
N GLN C 143 -24.69 -0.16 9.03
CA GLN C 143 -24.67 0.64 7.79
C GLN C 143 -23.48 0.29 6.89
N ILE C 144 -22.74 -0.77 7.21
CA ILE C 144 -21.67 -1.28 6.32
C ILE C 144 -22.23 -2.37 5.37
N CYS C 145 -21.90 -2.28 4.08
CA CYS C 145 -22.40 -3.20 3.04
C CYS C 145 -21.21 -3.90 2.39
N LEU C 146 -21.16 -5.23 2.41
CA LEU C 146 -20.02 -5.96 1.81
C LEU C 146 -20.42 -6.67 0.51
N LEU C 147 -19.76 -6.29 -0.56
CA LEU C 147 -19.94 -6.93 -1.88
C LEU C 147 -18.64 -7.64 -2.22
N VAL C 148 -18.71 -8.80 -2.89
CA VAL C 148 -17.51 -9.51 -3.39
C VAL C 148 -17.70 -9.79 -4.87
N GLN C 149 -16.59 -9.83 -5.57
CA GLN C 149 -16.52 -10.09 -7.00
C GLN C 149 -16.12 -11.54 -7.19
N VAL C 150 -16.88 -12.23 -8.03
CA VAL C 150 -16.46 -13.57 -8.57
C VAL C 150 -16.01 -13.35 -10.01
N GLU C 151 -14.74 -13.63 -10.27
CA GLU C 151 -14.10 -13.23 -11.54
C GLU C 151 -13.10 -14.30 -12.02
N SER C 152 -13.15 -15.49 -11.44
CA SER C 152 -12.21 -16.59 -11.75
C SER C 152 -12.95 -17.93 -11.78
N LYS C 153 -12.35 -18.93 -12.42
CA LYS C 153 -12.94 -20.29 -12.42
C LYS C 153 -13.07 -20.77 -10.99
N LYS C 154 -12.06 -20.48 -10.16
CA LYS C 154 -12.09 -20.94 -8.75
C LYS C 154 -13.26 -20.29 -8.00
N GLY C 155 -13.51 -19.00 -8.22
CA GLY C 155 -14.68 -18.35 -7.61
C GLY C 155 -15.96 -19.09 -8.01
N LEU C 156 -16.16 -19.32 -9.32
CA LEU C 156 -17.35 -20.02 -9.85
C LEU C 156 -17.38 -21.42 -9.29
N ASP C 157 -16.20 -22.00 -9.02
CA ASP C 157 -16.13 -23.34 -8.42
C ASP C 157 -16.56 -23.29 -6.96
N ASN C 158 -16.64 -22.10 -6.36
CA ASN C 158 -16.92 -21.94 -4.91
C ASN C 158 -18.15 -21.05 -4.70
N LEU C 159 -18.92 -20.85 -5.75
CA LEU C 159 -20.05 -19.88 -5.76
C LEU C 159 -21.11 -20.26 -4.73
N ASP C 160 -21.53 -21.53 -4.64
CA ASP C 160 -22.59 -21.89 -3.66
C ASP C 160 -22.07 -21.65 -2.25
N GLU C 161 -20.78 -21.94 -2.01
CA GLU C 161 -20.13 -21.78 -0.69
C GLU C 161 -20.05 -20.30 -0.35
N ILE C 162 -19.64 -19.46 -1.29
CA ILE C 162 -19.56 -17.99 -1.04
C ILE C 162 -20.98 -17.49 -0.75
N LEU C 163 -21.97 -17.97 -1.50
CA LEU C 163 -23.35 -17.49 -1.38
C LEU C 163 -23.97 -17.90 -0.03
N ASN C 164 -23.44 -18.91 0.66
CA ASN C 164 -23.93 -19.23 2.03
C ASN C 164 -23.17 -18.45 3.11
N VAL C 165 -22.29 -17.49 2.77
CA VAL C 165 -21.58 -16.72 3.84
C VAL C 165 -22.52 -15.62 4.31
N ASP C 166 -22.88 -15.61 5.61
CA ASP C 166 -23.68 -14.51 6.19
C ASP C 166 -22.81 -13.26 6.23
N GLY C 167 -23.34 -12.18 5.72
CA GLY C 167 -22.65 -10.91 5.76
C GLY C 167 -22.09 -10.56 4.40
N VAL C 168 -22.11 -11.47 3.44
CA VAL C 168 -21.91 -11.10 2.00
C VAL C 168 -23.25 -10.59 1.47
N ASP C 169 -23.38 -9.29 1.19
CA ASP C 169 -24.68 -8.68 0.81
C ASP C 169 -24.94 -8.89 -0.68
N GLY C 170 -23.86 -9.06 -1.46
CA GLY C 170 -23.95 -9.05 -2.92
C GLY C 170 -22.74 -9.69 -3.53
N ILE C 171 -22.97 -10.25 -4.70
CA ILE C 171 -21.88 -10.74 -5.57
C ILE C 171 -22.01 -9.99 -6.89
N PHE C 172 -20.91 -9.34 -7.24
CA PHE C 172 -20.74 -8.61 -8.48
C PHE C 172 -20.01 -9.53 -9.45
N ILE C 173 -20.47 -9.56 -10.70
CA ILE C 173 -19.74 -10.28 -11.78
C ILE C 173 -19.14 -9.25 -12.72
N GLY C 174 -17.83 -9.24 -12.86
CA GLY C 174 -17.13 -8.35 -13.80
C GLY C 174 -16.85 -9.15 -15.06
N PRO C 175 -17.55 -8.90 -16.17
CA PRO C 175 -17.35 -9.69 -17.37
C PRO C 175 -15.89 -9.70 -17.86
N ALA C 176 -15.10 -8.66 -17.61
CA ALA C 176 -13.74 -8.56 -18.15
C ALA C 176 -12.88 -9.68 -17.58
N ASP C 177 -12.70 -9.75 -16.26
CA ASP C 177 -11.82 -10.77 -15.65
C ASP C 177 -12.45 -12.15 -15.93
N LEU C 178 -13.77 -12.27 -16.00
CA LEU C 178 -14.46 -13.59 -16.06
C LEU C 178 -14.27 -14.15 -17.49
N SER C 179 -14.61 -13.34 -18.48
CA SER C 179 -14.36 -13.62 -19.91
C SER C 179 -12.89 -14.03 -20.09
N ALA C 180 -11.95 -13.29 -19.51
CA ALA C 180 -10.50 -13.58 -19.62
C ALA C 180 -10.23 -14.95 -19.00
N ALA C 181 -10.75 -15.16 -17.78
CA ALA C 181 -10.50 -16.40 -17.01
C ALA C 181 -11.04 -17.57 -17.80
N LEU C 182 -12.07 -17.36 -18.63
CA LEU C 182 -12.73 -18.45 -19.39
C LEU C 182 -12.03 -18.67 -20.75
N GLY C 183 -10.99 -17.90 -21.10
CA GLY C 183 -10.26 -18.04 -22.37
C GLY C 183 -10.89 -17.23 -23.50
N TYR C 184 -11.76 -16.27 -23.18
CA TYR C 184 -12.33 -15.30 -24.14
C TYR C 184 -11.92 -13.88 -23.72
N ARG C 185 -10.62 -13.67 -23.51
CA ARG C 185 -10.12 -12.36 -23.05
C ARG C 185 -10.53 -11.28 -24.05
N GLY C 186 -11.27 -10.28 -23.58
CA GLY C 186 -11.66 -9.11 -24.38
C GLY C 186 -12.92 -9.33 -25.18
N ASN C 187 -13.60 -10.46 -24.99
CA ASN C 187 -14.82 -10.79 -25.77
C ASN C 187 -15.86 -11.42 -24.85
N PRO C 188 -16.32 -10.71 -23.78
CA PRO C 188 -17.36 -11.21 -22.89
C PRO C 188 -18.70 -11.53 -23.58
N GLY C 189 -18.90 -10.99 -24.81
CA GLY C 189 -20.08 -11.13 -25.68
C GLY C 189 -20.37 -12.58 -26.10
N HIS C 190 -19.40 -13.48 -26.07
CA HIS C 190 -19.57 -14.91 -26.45
C HIS C 190 -20.68 -15.60 -25.63
N GLU C 191 -21.52 -16.37 -26.30
CA GLU C 191 -22.60 -17.19 -25.71
C GLU C 191 -22.09 -18.03 -24.53
N PHE C 192 -20.93 -18.64 -24.65
CA PHE C 192 -20.37 -19.49 -23.57
C PHE C 192 -20.25 -18.67 -22.29
N VAL C 193 -19.74 -17.44 -22.44
CA VAL C 193 -19.51 -16.54 -21.27
C VAL C 193 -20.87 -16.04 -20.76
N GLN C 194 -21.75 -15.60 -21.65
CA GLN C 194 -23.06 -15.01 -21.29
C GLN C 194 -23.92 -16.04 -20.57
N ASN C 195 -23.91 -17.29 -21.02
CA ASN C 195 -24.73 -18.35 -20.39
C ASN C 195 -24.25 -18.49 -18.95
N ILE C 196 -22.95 -18.42 -18.72
CA ILE C 196 -22.37 -18.56 -17.36
C ILE C 196 -22.78 -17.35 -16.51
N ILE C 197 -22.75 -16.17 -17.10
CA ILE C 197 -23.14 -14.94 -16.37
C ILE C 197 -24.61 -15.04 -15.90
N VAL C 198 -25.52 -15.45 -16.77
CA VAL C 198 -26.99 -15.51 -16.50
C VAL C 198 -27.24 -16.53 -15.38
N GLN C 199 -26.71 -17.73 -15.54
CA GLN C 199 -26.84 -18.82 -14.54
C GLN C 199 -26.32 -18.29 -13.20
N THR C 200 -25.17 -17.61 -13.21
CA THR C 200 -24.51 -17.04 -12.01
C THR C 200 -25.43 -16.03 -11.35
N ILE C 201 -25.99 -15.09 -12.12
CA ILE C 201 -26.95 -14.10 -11.57
C ILE C 201 -28.13 -14.86 -10.93
N GLN C 202 -28.68 -15.85 -11.62
CA GLN C 202 -29.84 -16.65 -11.12
C GLN C 202 -29.51 -17.31 -9.78
N LYS C 203 -28.31 -17.88 -9.63
CA LYS C 203 -27.89 -18.60 -8.41
C LYS C 203 -27.71 -17.57 -7.27
N ILE C 204 -27.10 -16.42 -7.57
CA ILE C 204 -26.94 -15.31 -6.60
C ILE C 204 -28.32 -14.91 -6.04
N ARG C 205 -29.27 -14.60 -6.89
CA ARG C 205 -30.62 -14.13 -6.47
C ARG C 205 -31.36 -15.26 -5.75
N ALA C 206 -31.24 -16.50 -6.20
CA ALA C 206 -31.91 -17.67 -5.60
C ALA C 206 -31.47 -17.83 -4.14
N ALA C 207 -30.22 -17.47 -3.82
CA ALA C 207 -29.63 -17.59 -2.46
C ALA C 207 -29.95 -16.35 -1.61
N GLY C 208 -30.76 -15.41 -2.09
CA GLY C 208 -31.20 -14.23 -1.32
C GLY C 208 -30.16 -13.12 -1.34
N LYS C 209 -29.13 -13.19 -2.16
CA LYS C 209 -28.11 -12.11 -2.20
C LYS C 209 -28.40 -11.21 -3.39
N ALA C 210 -27.85 -10.00 -3.37
CA ALA C 210 -27.92 -9.06 -4.51
C ALA C 210 -26.90 -9.46 -5.56
N ALA C 211 -27.32 -9.45 -6.81
CA ALA C 211 -26.42 -9.62 -7.96
C ALA C 211 -26.06 -8.24 -8.48
N GLY C 212 -24.84 -8.12 -8.97
CA GLY C 212 -24.29 -6.91 -9.62
C GLY C 212 -23.48 -7.24 -10.85
N ILE C 213 -23.35 -6.26 -11.72
CA ILE C 213 -22.60 -6.42 -12.98
C ILE C 213 -22.34 -5.02 -13.53
N LEU C 214 -21.33 -4.94 -14.37
CA LEU C 214 -21.02 -3.78 -15.21
C LEU C 214 -21.15 -4.17 -16.69
N SER C 215 -21.86 -3.37 -17.46
CA SER C 215 -21.78 -3.43 -18.94
C SER C 215 -22.03 -2.06 -19.51
N ALA C 216 -21.09 -1.61 -20.33
CA ALA C 216 -21.20 -0.39 -21.16
C ALA C 216 -22.12 -0.68 -22.36
N ASP C 217 -22.41 -1.94 -22.64
CA ASP C 217 -23.34 -2.31 -23.75
C ASP C 217 -24.78 -2.13 -23.26
N GLU C 218 -25.51 -1.16 -23.81
CA GLU C 218 -26.90 -0.82 -23.40
C GLU C 218 -27.79 -2.06 -23.41
N LYS C 219 -27.73 -2.84 -24.50
CA LYS C 219 -28.59 -4.05 -24.66
C LYS C 219 -28.29 -5.04 -23.52
N LEU C 220 -27.01 -5.35 -23.26
CA LEU C 220 -26.64 -6.33 -22.21
C LEU C 220 -27.11 -5.80 -20.85
N ALA C 221 -26.92 -4.51 -20.61
CA ALA C 221 -27.28 -3.87 -19.33
C ALA C 221 -28.79 -4.02 -19.14
N LYS C 222 -29.59 -3.72 -20.16
CA LYS C 222 -31.05 -3.84 -20.03
C LYS C 222 -31.41 -5.32 -19.83
N GLN C 223 -30.71 -6.23 -20.51
CA GLN C 223 -30.92 -7.70 -20.33
C GLN C 223 -30.69 -8.01 -18.86
N TYR C 224 -29.58 -7.54 -18.29
CA TYR C 224 -29.26 -7.86 -16.87
C TYR C 224 -30.33 -7.26 -15.96
N LEU C 225 -30.82 -6.06 -16.27
CA LEU C 225 -31.92 -5.42 -15.49
C LEU C 225 -33.19 -6.27 -15.63
N GLU C 226 -33.48 -6.90 -16.79
CA GLU C 226 -34.71 -7.72 -16.94
C GLU C 226 -34.59 -8.99 -16.07
N LEU C 227 -33.39 -9.53 -15.82
CA LEU C 227 -33.20 -10.71 -14.92
C LEU C 227 -33.40 -10.32 -13.44
N GLY C 228 -33.53 -9.04 -13.10
CA GLY C 228 -33.72 -8.52 -11.73
C GLY C 228 -32.39 -8.18 -11.06
N THR C 229 -31.30 -8.10 -11.81
CA THR C 229 -29.96 -7.80 -11.24
C THR C 229 -30.09 -6.52 -10.39
N GLU C 230 -29.67 -6.55 -9.13
CA GLU C 230 -29.98 -5.46 -8.15
C GLU C 230 -29.07 -4.23 -8.36
N PHE C 231 -27.81 -4.40 -8.76
CA PHE C 231 -26.90 -3.22 -8.93
C PHE C 231 -26.14 -3.37 -10.24
N VAL C 232 -26.44 -2.46 -11.15
CA VAL C 232 -25.95 -2.52 -12.55
C VAL C 232 -25.25 -1.19 -12.87
N ALA C 233 -23.96 -1.28 -13.14
CA ALA C 233 -23.15 -0.13 -13.60
C ALA C 233 -23.21 -0.15 -15.13
N VAL C 234 -23.52 1.00 -15.73
CA VAL C 234 -23.93 1.08 -17.17
C VAL C 234 -22.89 1.82 -17.99
N GLY C 235 -21.82 2.31 -17.35
CA GLY C 235 -20.70 2.99 -18.04
C GLY C 235 -19.56 3.32 -17.08
N VAL C 236 -18.50 3.91 -17.62
CA VAL C 236 -17.19 4.15 -16.99
C VAL C 236 -16.81 5.59 -17.38
N ASP C 237 -16.49 6.43 -16.41
CA ASP C 237 -16.16 7.85 -16.70
C ASP C 237 -15.00 7.94 -17.72
N THR C 238 -13.89 7.25 -17.51
CA THR C 238 -12.75 7.30 -18.46
C THR C 238 -13.25 6.99 -19.88
N SER C 239 -14.03 5.92 -20.07
CA SER C 239 -14.56 5.52 -21.40
C SER C 239 -15.48 6.61 -21.97
N LEU C 240 -16.40 7.16 -21.18
CA LEU C 240 -17.32 8.20 -21.71
C LEU C 240 -16.54 9.44 -22.14
N LEU C 241 -15.57 9.82 -21.35
CA LEU C 241 -14.75 10.99 -21.69
C LEU C 241 -14.05 10.70 -23.02
N MET C 242 -13.34 9.57 -23.13
CA MET C 242 -12.50 9.31 -24.31
C MET C 242 -13.44 9.24 -25.52
N LYS C 243 -14.52 8.47 -25.43
CA LYS C 243 -15.43 8.22 -26.57
C LYS C 243 -16.10 9.54 -27.00
N SER C 244 -16.61 10.35 -26.06
CA SER C 244 -17.26 11.63 -26.39
C SER C 244 -16.27 12.52 -27.14
N MET C 245 -15.00 12.58 -26.72
CA MET C 245 -14.01 13.44 -27.39
C MET C 245 -13.69 12.87 -28.79
N LYS C 246 -13.61 11.55 -28.91
CA LYS C 246 -13.28 10.88 -30.19
C LYS C 246 -14.42 11.12 -31.19
N GLN C 247 -15.67 10.92 -30.75
CA GLN C 247 -16.87 11.07 -31.62
C GLN C 247 -16.92 12.52 -32.12
N LEU C 248 -16.64 13.46 -31.22
CA LEU C 248 -16.72 14.89 -31.56
C LEU C 248 -15.68 15.23 -32.62
N LEU C 249 -14.46 14.72 -32.45
CA LEU C 249 -13.36 15.05 -33.38
C LEU C 249 -13.67 14.48 -34.76
N SER C 250 -14.29 13.29 -34.79
CA SER C 250 -14.69 12.58 -36.02
C SER C 250 -15.60 13.44 -36.92
N LYS C 251 -16.43 14.32 -36.36
CA LYS C 251 -17.30 15.25 -37.12
C LYS C 251 -16.52 16.31 -37.93
N PHE C 252 -15.26 16.55 -37.58
CA PHE C 252 -14.41 17.58 -38.23
C PHE C 252 -13.10 17.01 -38.78
N LYS C 253 -12.81 15.73 -38.49
CA LYS C 253 -11.53 15.00 -38.67
C LYS C 253 -10.34 15.95 -38.75
CA CA D . -0.37 9.44 -2.19
#